data_2R07
#
_entry.id   2R07
#
_cell.length_a   445.100
_cell.length_b   445.100
_cell.length_c   445.100
_cell.angle_alpha   90.00
_cell.angle_beta   90.00
_cell.angle_gamma   90.00
#
_symmetry.space_group_name_H-M   'P 21 3'
#
loop_
_entity.id
_entity.type
_entity.pdbx_description
1 polymer 'HUMAN RHINOVIRUS 14 COAT PROTEIN (SUBUNIT VP1)'
2 polymer 'HUMAN RHINOVIRUS 14 COAT PROTEIN (SUBUNIT VP2)'
3 polymer 'HUMAN RHINOVIRUS 14 COAT PROTEIN (SUBUNIT VP3)'
4 polymer 'HUMAN RHINOVIRUS 14 COAT PROTEIN (SUBUNIT VP4)'
5 non-polymer '5-(5-(6-CHLORO-4-(4,5-DIHYDRO-2-OXAZOLYL)PHENOXY)PENTYL)-3-METHYL ISOXAZOLE'
#
loop_
_entity_poly.entity_id
_entity_poly.type
_entity_poly.pdbx_seq_one_letter_code
_entity_poly.pdbx_strand_id
1 'polypeptide(L)'
;GLGDELEEVIVEKTKQTVASISSGPKHTQKVPILTANETGATMPVLPSDSIETRTTYMHFNGSETDVECFLGRAACVHVT
EIQNKDATGIDNHREAKLFNDWKINLSSLVQLRKKLELFTYVRFDSEYTILATASQPDSANYSSNLVVQAMYVPPGAPNP
KEWDDYTWQSASNPSVFFKVGDTSRFSVPYVGLASAYNCFYDGYSHDDAETQYGITVLNHMGSMAFRIVNEHDEHKTLVK
IRVYHRAKHVEAWIPRAPRALPYTSIGRTNYPKNTEPVIKKRKGDIKSY
;
1
2 'polypeptide(L)'
;SPNVEACGYSDRVQQITLGNSTITTQEAANAVVCYAEWPEYLPDVDASDVNKTSKPDTSVCRFYTLDSKTWTTGSKGWCW
KLPDALKDMGVFGQNMFFHSLGRSGYTVHVQCNATKFHSGCLLVVVIPEHQLASHEGGNVSVKYTFTHPGERGIDLSSAN
EVGGPVKDVLYNMNGTLLGNLLIFPHQFINLRTNNTATIVIPYINSVPIDSMTRHNNVSLMVIPIAPLTVPTGATPSLPI
TVTIAPMCTEFSGIRSKSIVPQ
;
2
3 'polypeptide(L)'
;GLPTTTLPGSGQFLTTDDRQSPSALPNYEPTPRIHIPGKVHNLLEIIQVDTLIPMNNTHTKDEVNSYLIPLNANRQNEQV
FGTNLFIGDGVFKTTLLGEIVQYYTHWSGSLRFSLMYTGPALSSAKLILAYTPPGARGPQDRREAMLGTHVVWDIGLQST
IVMTIPWTSGVQFRYTDPDTYTSAGFLSCWYQTSLILPPETTGQVYLLSFISACPDFKLRLMKDTQTISQTVALTE
;
3
4 'polypeptide(L)' GAQVSTQKSGSHENQNILTNGSNQTFTVINYYKDAASTSSAGQSLSMDPSKFTEPVKDLMLKGAPALN 4
#
# COMPACT_ATOMS: atom_id res chain seq x y z
N THR A 17 23.95 -10.42 17.13
CA THR A 17 23.91 -9.67 15.86
C THR A 17 24.56 -8.30 15.67
N VAL A 18 25.40 -8.14 14.60
CA VAL A 18 26.01 -6.78 14.64
C VAL A 18 25.12 -5.82 13.89
N ALA A 19 24.96 -4.64 14.45
CA ALA A 19 24.22 -3.55 13.83
C ALA A 19 25.14 -2.76 12.91
N SER A 20 26.38 -2.75 13.28
CA SER A 20 27.37 -2.02 12.41
C SER A 20 28.68 -2.76 12.64
N ILE A 21 29.46 -2.94 11.58
CA ILE A 21 30.76 -3.54 11.76
C ILE A 21 31.80 -2.37 11.82
N SER A 22 33.00 -2.75 12.12
CA SER A 22 34.04 -1.71 12.20
C SER A 22 34.52 -1.39 10.83
N SER A 23 34.67 -0.27 10.34
CA SER A 23 35.20 -0.17 8.89
C SER A 23 36.10 1.00 8.85
N GLY A 24 37.13 1.07 8.06
CA GLY A 24 38.11 2.24 8.12
C GLY A 24 38.17 2.94 6.82
N PRO A 25 39.23 3.68 6.54
CA PRO A 25 39.35 4.51 5.32
C PRO A 25 39.19 3.60 4.11
N LYS A 26 38.80 3.99 2.99
CA LYS A 26 38.55 3.32 1.71
C LYS A 26 39.15 4.13 0.56
N HIS A 27 39.77 3.63 -0.44
CA HIS A 27 40.23 4.46 -1.63
C HIS A 27 40.08 3.43 -2.76
N THR A 28 38.94 3.05 -3.20
CA THR A 28 38.67 2.08 -4.12
C THR A 28 38.06 2.51 -5.46
N GLN A 29 37.95 1.47 -6.25
CA GLN A 29 37.47 1.43 -7.61
C GLN A 29 36.09 0.76 -7.46
N LYS A 30 35.77 0.44 -6.24
CA LYS A 30 34.51 -0.31 -5.95
C LYS A 30 33.61 0.61 -5.15
N VAL A 31 32.69 1.31 -5.77
CA VAL A 31 31.87 2.34 -5.11
C VAL A 31 30.50 1.88 -4.81
N PRO A 32 30.16 1.39 -3.64
CA PRO A 32 28.83 0.91 -3.33
C PRO A 32 27.78 2.00 -3.25
N ILE A 33 28.13 3.27 -3.20
CA ILE A 33 27.11 4.29 -3.03
C ILE A 33 26.65 4.84 -4.35
N LEU A 34 27.15 4.48 -5.49
CA LEU A 34 26.62 5.03 -6.78
C LEU A 34 25.66 4.00 -7.33
N THR A 35 24.43 4.27 -7.53
CA THR A 35 23.56 3.22 -8.11
C THR A 35 22.72 3.74 -9.19
N ALA A 36 21.77 3.05 -9.76
CA ALA A 36 20.83 3.53 -10.80
C ALA A 36 19.42 3.26 -10.33
N ASN A 37 18.69 4.10 -9.67
CA ASN A 37 17.38 3.86 -9.10
C ASN A 37 16.36 3.56 -10.16
N GLU A 38 16.75 3.75 -11.43
CA GLU A 38 15.78 3.53 -12.47
C GLU A 38 15.41 2.06 -12.56
N THR A 39 16.22 1.21 -11.95
CA THR A 39 16.11 -0.25 -12.03
C THR A 39 14.98 -0.75 -11.19
N GLY A 40 14.58 0.00 -10.17
CA GLY A 40 13.48 -0.41 -9.32
C GLY A 40 14.04 -1.04 -8.08
N ALA A 41 15.32 -1.15 -7.91
CA ALA A 41 15.81 -1.81 -6.65
C ALA A 41 16.08 -0.81 -5.57
N THR A 42 16.08 -1.13 -4.30
CA THR A 42 16.67 -0.26 -3.24
C THR A 42 17.92 -1.02 -2.77
N MET A 43 19.03 -0.62 -3.30
CA MET A 43 20.33 -1.23 -2.92
C MET A 43 20.59 -1.10 -1.45
N PRO A 44 20.98 -2.19 -0.82
CA PRO A 44 21.20 -2.25 0.64
C PRO A 44 22.42 -1.57 1.17
N VAL A 45 22.49 -0.28 1.06
CA VAL A 45 23.66 0.51 1.52
C VAL A 45 23.56 0.73 3.02
N LEU A 46 24.71 0.70 3.66
CA LEU A 46 24.90 0.87 5.12
C LEU A 46 25.85 1.98 5.50
N PRO A 47 25.74 2.45 6.74
CA PRO A 47 26.65 3.51 7.22
C PRO A 47 28.06 3.18 6.91
N SER A 48 28.42 1.91 7.04
CA SER A 48 29.85 1.54 6.86
C SER A 48 30.17 1.53 5.39
N ASP A 49 29.51 2.13 4.50
CA ASP A 49 29.92 2.05 3.06
C ASP A 49 30.46 3.43 2.71
N SER A 50 30.10 4.33 3.64
CA SER A 50 30.46 5.71 3.36
C SER A 50 31.02 6.43 4.53
N ILE A 51 31.10 6.02 5.75
CA ILE A 51 31.87 6.66 6.82
C ILE A 51 32.70 5.57 7.49
N GLU A 52 33.59 5.89 8.39
CA GLU A 52 34.36 4.85 9.14
C GLU A 52 33.53 4.48 10.35
N THR A 53 33.12 3.28 10.63
CA THR A 53 32.28 2.86 11.75
C THR A 53 33.06 2.00 12.72
N ARG A 54 32.42 1.73 13.84
CA ARG A 54 32.97 0.93 14.97
C ARG A 54 31.97 -0.21 15.16
N THR A 55 32.30 -1.30 15.75
CA THR A 55 31.25 -2.32 15.96
C THR A 55 30.25 -1.92 17.00
N THR A 56 29.02 -2.29 16.73
CA THR A 56 27.88 -2.12 17.66
C THR A 56 26.93 -3.30 17.37
N TYR A 57 26.23 -3.73 18.42
CA TYR A 57 25.22 -4.83 18.25
C TYR A 57 23.83 -4.31 18.28
N MET A 58 22.95 -5.13 17.73
CA MET A 58 21.52 -4.71 17.56
C MET A 58 20.82 -4.77 18.86
N HIS A 59 20.99 -5.78 19.65
CA HIS A 59 20.17 -5.80 20.90
C HIS A 59 18.70 -5.73 20.55
N PHE A 60 18.18 -6.19 19.47
CA PHE A 60 16.71 -6.00 19.17
C PHE A 60 16.24 -6.98 18.17
N ASN A 61 15.05 -7.49 18.09
CA ASN A 61 14.61 -8.46 17.15
C ASN A 61 13.58 -8.01 16.22
N GLY A 62 12.87 -6.97 16.49
CA GLY A 62 11.81 -6.55 15.52
C GLY A 62 10.56 -7.35 15.80
N SER A 63 10.33 -7.79 16.99
CA SER A 63 9.21 -8.50 17.48
C SER A 63 7.84 -7.82 17.31
N GLU A 64 7.85 -6.51 17.60
CA GLU A 64 6.58 -5.71 17.75
C GLU A 64 6.12 -5.06 16.48
N THR A 65 6.75 -5.46 15.40
CA THR A 65 6.46 -4.96 14.06
C THR A 65 6.06 -6.19 13.23
N ASP A 66 5.98 -7.32 13.87
CA ASP A 66 5.48 -8.52 13.16
C ASP A 66 4.07 -8.24 12.72
N VAL A 67 3.56 -8.63 11.59
CA VAL A 67 2.17 -8.29 11.25
C VAL A 67 1.24 -8.94 12.25
N GLU A 68 1.64 -10.01 12.92
CA GLU A 68 0.61 -10.61 13.84
C GLU A 68 0.41 -9.62 14.95
N CYS A 69 1.43 -8.94 15.33
CA CYS A 69 1.40 -8.01 16.46
C CYS A 69 0.67 -6.75 16.04
N PHE A 70 0.98 -6.33 14.82
CA PHE A 70 0.44 -5.05 14.29
C PHE A 70 -1.08 -5.13 14.20
N LEU A 71 -1.65 -6.24 13.74
CA LEU A 71 -3.09 -6.34 13.57
C LEU A 71 -3.69 -7.09 14.76
N GLY A 72 -2.86 -7.52 15.67
CA GLY A 72 -3.40 -8.37 16.75
C GLY A 72 -3.92 -7.72 17.96
N ARG A 73 -4.31 -6.50 18.05
CA ARG A 73 -4.89 -5.96 19.36
C ARG A 73 -6.32 -5.63 19.04
N ALA A 74 -7.21 -5.66 19.97
CA ALA A 74 -8.64 -5.32 19.73
C ALA A 74 -8.82 -3.89 19.27
N ALA A 75 -9.57 -3.58 18.27
CA ALA A 75 -9.90 -2.22 17.81
C ALA A 75 -11.41 -2.08 17.83
N CYS A 76 -11.94 -0.91 18.12
CA CYS A 76 -13.44 -0.76 18.11
C CYS A 76 -13.88 -0.78 16.66
N VAL A 77 -14.78 -1.61 16.31
CA VAL A 77 -15.15 -1.67 14.88
C VAL A 77 -16.58 -1.20 14.72
N HIS A 78 -17.34 -0.98 15.76
CA HIS A 78 -18.80 -0.68 15.55
C HIS A 78 -19.45 -0.25 16.84
N VAL A 79 -20.25 0.81 16.76
CA VAL A 79 -21.02 1.17 17.97
C VAL A 79 -22.48 1.22 17.56
N THR A 80 -23.36 0.53 18.10
CA THR A 80 -24.79 0.58 17.72
C THR A 80 -25.56 0.82 18.99
N GLU A 81 -26.88 0.86 18.88
CA GLU A 81 -27.71 1.03 20.10
C GLU A 81 -29.14 0.49 19.86
N ILE A 82 -29.64 -0.08 20.91
CA ILE A 82 -30.97 -0.68 21.01
C ILE A 82 -31.62 -0.19 22.29
N GLN A 83 -32.96 -0.18 22.39
CA GLN A 83 -33.57 0.18 23.69
C GLN A 83 -34.61 -0.85 24.17
N ASN A 84 -34.79 -0.84 25.48
CA ASN A 84 -35.80 -1.76 26.06
C ASN A 84 -36.95 -0.80 26.35
N LYS A 85 -38.06 -1.06 25.74
CA LYS A 85 -39.25 -0.15 26.02
C LYS A 85 -40.47 -0.92 25.64
N ASP A 86 -41.65 -0.48 26.02
CA ASP A 86 -42.90 -1.19 25.66
C ASP A 86 -43.15 -1.16 24.14
N ALA A 87 -43.22 -2.38 23.54
CA ALA A 87 -43.32 -2.40 22.07
C ALA A 87 -44.79 -2.27 21.65
N THR A 88 -45.59 -2.24 22.68
CA THR A 88 -47.03 -2.06 22.44
C THR A 88 -47.27 -0.86 21.53
N GLY A 89 -47.98 -1.23 20.43
CA GLY A 89 -48.25 -0.27 19.33
C GLY A 89 -47.06 0.16 18.50
N ILE A 90 -45.99 -0.69 18.43
CA ILE A 90 -44.83 -0.15 17.62
C ILE A 90 -44.99 -0.88 16.31
N ASP A 91 -44.99 -0.06 15.25
CA ASP A 91 -45.27 -0.86 13.97
C ASP A 91 -44.02 -1.35 13.38
N ASN A 92 -42.87 -0.93 13.94
CA ASN A 92 -41.59 -1.28 13.23
C ASN A 92 -40.47 -1.31 14.28
N HIS A 93 -40.32 -2.53 14.79
CA HIS A 93 -39.41 -2.73 15.91
C HIS A 93 -38.01 -2.25 15.51
N ARG A 94 -37.76 -2.62 14.27
CA ARG A 94 -36.36 -2.36 13.78
C ARG A 94 -36.16 -0.88 13.86
N GLU A 95 -37.22 -0.19 13.40
CA GLU A 95 -37.16 1.24 13.43
C GLU A 95 -37.18 1.87 14.79
N ALA A 96 -37.68 1.25 15.82
CA ALA A 96 -37.73 1.82 17.19
C ALA A 96 -36.45 1.47 17.96
N LYS A 97 -35.47 0.84 17.26
CA LYS A 97 -34.30 0.28 17.88
C LYS A 97 -34.76 -0.73 18.98
N LEU A 98 -35.82 -1.43 18.68
CA LEU A 98 -36.24 -2.48 19.64
C LEU A 98 -35.24 -3.60 19.47
N PHE A 99 -34.48 -3.37 18.42
CA PHE A 99 -33.41 -4.26 18.02
C PHE A 99 -32.83 -3.81 16.75
N ASN A 100 -31.63 -4.21 16.63
CA ASN A 100 -30.85 -3.71 15.55
C ASN A 100 -29.79 -4.63 15.13
N ASP A 101 -29.12 -4.04 14.21
CA ASP A 101 -28.09 -4.69 13.54
C ASP A 101 -27.16 -3.82 12.80
N TRP A 102 -26.27 -4.57 12.33
CA TRP A 102 -25.10 -4.12 11.70
C TRP A 102 -24.82 -5.08 10.54
N LYS A 103 -25.21 -4.79 9.28
CA LYS A 103 -24.72 -5.70 8.18
C LYS A 103 -23.21 -5.63 8.38
N ILE A 104 -22.61 -6.59 8.99
CA ILE A 104 -21.14 -6.51 9.28
C ILE A 104 -20.27 -5.79 8.20
N ASN A 105 -19.18 -5.31 8.72
CA ASN A 105 -18.04 -4.85 7.92
C ASN A 105 -16.98 -4.26 8.85
N LEU A 106 -15.81 -3.97 8.30
CA LEU A 106 -14.71 -3.49 9.16
C LEU A 106 -13.97 -2.28 8.53
N SER A 107 -14.57 -1.77 7.48
CA SER A 107 -14.18 -0.49 6.81
C SER A 107 -14.95 0.65 7.57
N SER A 108 -16.02 0.20 8.25
CA SER A 108 -16.99 1.02 9.10
C SER A 108 -16.30 2.24 9.69
N LEU A 109 -15.44 1.95 10.64
CA LEU A 109 -14.66 3.04 11.24
C LEU A 109 -13.18 2.89 10.89
N VAL A 110 -12.65 4.05 10.69
CA VAL A 110 -11.33 4.25 10.06
C VAL A 110 -9.96 3.96 10.79
N GLN A 111 -9.78 3.94 12.15
CA GLN A 111 -8.36 3.64 12.75
C GLN A 111 -7.92 2.29 12.26
N LEU A 112 -8.58 1.19 12.61
CA LEU A 112 -8.23 -0.14 12.10
C LEU A 112 -8.22 -0.16 10.59
N ARG A 113 -9.11 0.51 9.90
CA ARG A 113 -9.16 0.43 8.42
C ARG A 113 -7.87 0.83 7.78
N LYS A 114 -7.27 1.93 8.16
CA LYS A 114 -6.01 2.36 7.52
C LYS A 114 -4.96 1.29 7.71
N LYS A 115 -4.88 0.68 8.89
CA LYS A 115 -3.95 -0.39 9.23
C LYS A 115 -4.14 -1.57 8.29
N LEU A 116 -5.36 -2.06 8.10
CA LEU A 116 -5.55 -3.20 7.23
C LEU A 116 -5.22 -2.87 5.77
N GLU A 117 -5.47 -1.63 5.39
CA GLU A 117 -5.37 -1.36 3.89
C GLU A 117 -3.96 -1.05 3.50
N LEU A 118 -3.04 -1.40 4.35
CA LEU A 118 -1.57 -1.30 4.07
C LEU A 118 -1.19 -2.55 3.23
N PHE A 119 -2.05 -3.54 3.15
CA PHE A 119 -2.01 -4.80 2.49
C PHE A 119 -3.17 -4.95 1.50
N THR A 120 -3.03 -5.78 0.47
CA THR A 120 -4.07 -6.01 -0.50
C THR A 120 -4.98 -7.15 -0.13
N TYR A 121 -4.47 -8.29 0.30
CA TYR A 121 -5.23 -9.49 0.72
C TYR A 121 -4.81 -9.78 2.18
N VAL A 122 -5.72 -10.22 2.95
CA VAL A 122 -5.36 -10.41 4.45
C VAL A 122 -6.10 -11.63 4.83
N ARG A 123 -5.60 -12.47 5.68
CA ARG A 123 -6.32 -13.70 6.11
C ARG A 123 -6.12 -13.81 7.62
N PHE A 124 -7.16 -14.02 8.42
CA PHE A 124 -7.00 -14.11 9.87
C PHE A 124 -8.25 -14.66 10.51
N ASP A 125 -8.18 -15.17 11.74
CA ASP A 125 -9.36 -15.54 12.55
C ASP A 125 -9.75 -14.26 13.31
N SER A 126 -10.94 -14.10 13.73
CA SER A 126 -11.34 -12.90 14.45
C SER A 126 -11.68 -13.25 15.85
N GLU A 127 -11.29 -12.40 16.75
CA GLU A 127 -11.81 -12.59 18.12
C GLU A 127 -12.69 -11.39 18.39
N TYR A 128 -13.97 -11.48 18.64
CA TYR A 128 -14.83 -10.33 18.93
C TYR A 128 -15.00 -10.08 20.41
N THR A 129 -14.94 -8.88 20.90
CA THR A 129 -15.37 -8.61 22.33
C THR A 129 -16.54 -7.68 22.19
N ILE A 130 -17.60 -7.85 22.89
CA ILE A 130 -18.77 -6.93 22.76
C ILE A 130 -19.03 -6.31 24.10
N LEU A 131 -18.86 -5.04 24.27
CA LEU A 131 -19.16 -4.37 25.58
C LEU A 131 -20.54 -3.73 25.42
N ALA A 132 -21.42 -3.80 26.35
CA ALA A 132 -22.77 -3.22 26.33
C ALA A 132 -22.98 -2.37 27.55
N THR A 133 -23.26 -1.14 27.51
CA THR A 133 -23.46 -0.37 28.82
C THR A 133 -24.82 0.22 28.77
N ALA A 134 -25.46 0.51 29.90
CA ALA A 134 -26.85 1.05 29.78
C ALA A 134 -26.84 2.49 30.25
N SER A 135 -27.74 3.24 29.75
CA SER A 135 -28.01 4.64 30.02
C SER A 135 -29.52 4.78 30.32
N GLN A 136 -29.79 5.67 31.21
CA GLN A 136 -31.24 5.94 31.57
C GLN A 136 -31.41 7.44 31.60
N PRO A 137 -31.41 8.04 30.42
CA PRO A 137 -31.48 9.49 30.33
C PRO A 137 -32.71 10.05 30.96
N ASP A 138 -33.79 9.36 31.22
CA ASP A 138 -34.86 10.19 31.87
C ASP A 138 -35.49 9.47 33.03
N SER A 139 -35.41 10.08 34.16
CA SER A 139 -36.08 9.61 35.35
C SER A 139 -36.42 8.16 35.46
N ALA A 140 -35.63 7.42 36.23
CA ALA A 140 -35.98 5.97 36.46
C ALA A 140 -35.80 5.72 37.95
N ASN A 141 -36.51 4.79 38.51
CA ASN A 141 -36.34 4.53 39.94
C ASN A 141 -35.04 3.80 40.22
N TYR A 142 -34.69 3.07 39.17
CA TYR A 142 -33.56 2.19 39.19
C TYR A 142 -33.04 1.85 37.82
N SER A 143 -31.94 1.09 37.93
CA SER A 143 -31.20 0.55 36.76
C SER A 143 -31.60 -0.87 36.52
N SER A 144 -32.19 -1.23 35.43
CA SER A 144 -32.71 -2.72 35.47
C SER A 144 -31.64 -3.65 35.10
N ASN A 145 -31.74 -4.98 35.24
CA ASN A 145 -30.63 -5.77 34.65
C ASN A 145 -31.15 -6.63 33.52
N LEU A 146 -30.68 -6.13 32.39
CA LEU A 146 -30.93 -6.57 31.05
C LEU A 146 -29.88 -7.59 30.58
N VAL A 147 -30.34 -8.53 29.82
CA VAL A 147 -29.51 -9.52 29.16
C VAL A 147 -29.56 -9.22 27.68
N VAL A 148 -28.48 -9.00 26.96
CA VAL A 148 -28.47 -8.79 25.51
C VAL A 148 -28.41 -10.10 24.78
N GLN A 149 -28.88 -10.29 23.64
CA GLN A 149 -28.70 -11.56 22.86
C GLN A 149 -28.24 -11.11 21.48
N ALA A 150 -27.02 -11.42 21.14
CA ALA A 150 -26.49 -11.07 19.83
C ALA A 150 -26.47 -12.36 19.00
N MET A 151 -27.18 -12.41 17.87
CA MET A 151 -27.13 -13.61 16.96
C MET A 151 -26.58 -13.19 15.59
N TYR A 152 -25.93 -14.12 14.90
CA TYR A 152 -25.36 -13.83 13.56
C TYR A 152 -26.27 -14.48 12.50
N VAL A 153 -26.91 -13.62 11.72
CA VAL A 153 -27.86 -14.08 10.66
C VAL A 153 -27.21 -14.29 9.30
N PRO A 154 -26.33 -15.25 9.09
CA PRO A 154 -25.69 -15.49 7.82
C PRO A 154 -26.69 -15.42 6.71
N PRO A 155 -26.35 -14.57 5.77
CA PRO A 155 -27.09 -14.26 4.55
C PRO A 155 -27.76 -15.48 4.12
N GLY A 156 -29.06 -15.41 4.02
CA GLY A 156 -29.85 -16.55 3.51
C GLY A 156 -30.71 -17.07 4.62
N ALA A 157 -30.12 -17.10 5.77
CA ALA A 157 -30.93 -17.36 6.94
C ALA A 157 -32.05 -16.36 6.79
N PRO A 158 -33.15 -16.52 7.49
CA PRO A 158 -34.31 -15.67 7.34
C PRO A 158 -34.10 -14.57 8.28
N ASN A 159 -33.78 -13.42 7.79
CA ASN A 159 -33.43 -12.31 8.72
C ASN A 159 -34.60 -12.12 9.76
N PRO A 160 -34.45 -11.46 10.94
CA PRO A 160 -35.52 -11.34 12.03
C PRO A 160 -36.34 -10.00 11.97
N LYS A 161 -37.70 -10.03 12.27
CA LYS A 161 -38.62 -8.79 12.09
C LYS A 161 -39.10 -8.12 13.32
N GLU A 162 -39.48 -8.79 14.31
CA GLU A 162 -39.83 -8.15 15.59
C GLU A 162 -38.78 -8.48 16.58
N TRP A 163 -38.82 -7.87 17.76
CA TRP A 163 -37.77 -8.16 18.74
C TRP A 163 -38.02 -9.48 19.37
N ASP A 164 -39.14 -10.12 19.03
CA ASP A 164 -39.29 -11.50 19.59
C ASP A 164 -39.81 -12.58 18.68
N ASP A 165 -39.56 -12.55 17.38
CA ASP A 165 -39.73 -13.42 16.29
C ASP A 165 -39.26 -14.86 16.58
N TYR A 166 -39.64 -15.72 15.65
CA TYR A 166 -39.19 -17.17 15.81
C TYR A 166 -37.70 -17.15 15.56
N THR A 167 -37.23 -16.20 14.74
CA THR A 167 -35.81 -16.06 14.41
C THR A 167 -34.87 -16.16 15.60
N TRP A 168 -35.33 -15.53 16.70
CA TRP A 168 -34.46 -15.46 17.89
C TRP A 168 -34.28 -16.79 18.53
N GLN A 169 -35.01 -17.78 18.09
CA GLN A 169 -34.89 -19.16 18.64
C GLN A 169 -33.45 -19.62 18.35
N SER A 170 -33.04 -19.17 17.19
CA SER A 170 -31.65 -19.37 16.72
C SER A 170 -31.20 -20.78 16.97
N ALA A 171 -31.91 -21.73 16.40
CA ALA A 171 -31.65 -23.14 16.64
C ALA A 171 -30.46 -23.63 15.88
N SER A 172 -30.15 -22.95 14.80
CA SER A 172 -28.98 -23.39 14.02
C SER A 172 -27.97 -22.30 13.93
N ASN A 173 -28.11 -21.17 14.43
CA ASN A 173 -27.29 -19.93 14.24
C ASN A 173 -26.63 -19.59 15.50
N PRO A 174 -25.34 -19.41 15.57
CA PRO A 174 -24.66 -19.21 16.89
C PRO A 174 -25.16 -17.98 17.55
N SER A 175 -25.60 -18.08 18.80
CA SER A 175 -25.93 -16.71 19.48
C SER A 175 -25.36 -16.71 20.87
N VAL A 176 -24.96 -15.58 21.46
CA VAL A 176 -24.41 -15.45 22.75
C VAL A 176 -25.39 -14.57 23.63
N PHE A 177 -25.67 -14.89 24.83
CA PHE A 177 -26.51 -14.07 25.74
C PHE A 177 -25.58 -13.53 26.83
N PHE A 178 -25.40 -12.31 27.06
CA PHE A 178 -24.56 -11.78 28.18
C PHE A 178 -25.30 -10.65 28.85
N LYS A 179 -24.84 -10.12 29.94
CA LYS A 179 -25.54 -9.05 30.67
C LYS A 179 -25.00 -7.69 30.26
N VAL A 180 -25.91 -6.74 30.20
CA VAL A 180 -25.47 -5.32 29.95
C VAL A 180 -24.42 -4.96 30.97
N GLY A 181 -23.32 -4.32 30.66
CA GLY A 181 -22.32 -3.93 31.72
C GLY A 181 -21.19 -4.92 31.68
N ASP A 182 -21.53 -6.13 31.26
CA ASP A 182 -20.53 -7.15 31.03
C ASP A 182 -20.18 -7.07 29.53
N THR A 183 -19.35 -7.97 29.18
CA THR A 183 -18.69 -8.22 27.94
C THR A 183 -18.86 -9.60 27.46
N SER A 184 -18.92 -9.77 26.19
CA SER A 184 -19.10 -11.20 25.65
C SER A 184 -17.90 -11.41 24.77
N ARG A 185 -17.40 -12.58 24.62
CA ARG A 185 -16.20 -12.79 23.82
C ARG A 185 -16.21 -14.13 23.20
N PHE A 186 -15.97 -14.23 21.98
CA PHE A 186 -15.92 -15.51 21.33
C PHE A 186 -15.10 -15.34 20.10
N SER A 187 -14.89 -16.35 19.32
CA SER A 187 -13.80 -16.07 18.17
C SER A 187 -14.37 -16.77 17.00
N VAL A 188 -14.22 -16.27 15.80
CA VAL A 188 -14.94 -16.94 14.60
C VAL A 188 -13.79 -17.20 13.71
N PRO A 189 -13.69 -18.41 13.08
CA PRO A 189 -12.65 -18.78 12.15
C PRO A 189 -12.67 -17.87 10.94
N TYR A 190 -11.69 -17.88 10.09
CA TYR A 190 -11.71 -17.06 8.85
C TYR A 190 -12.84 -17.56 7.94
N VAL A 191 -13.96 -16.80 7.86
CA VAL A 191 -15.08 -17.14 7.06
C VAL A 191 -15.08 -16.67 5.62
N GLY A 192 -14.00 -16.21 5.10
CA GLY A 192 -13.96 -15.77 3.66
C GLY A 192 -14.28 -16.87 2.69
N LEU A 193 -14.83 -16.57 1.53
CA LEU A 193 -15.09 -17.55 0.52
C LEU A 193 -13.77 -17.87 -0.21
N ALA A 194 -12.88 -16.96 -0.42
CA ALA A 194 -11.62 -17.24 -1.19
C ALA A 194 -10.50 -17.61 -0.26
N SER A 195 -9.28 -17.41 -0.67
CA SER A 195 -8.14 -17.88 0.17
C SER A 195 -7.77 -16.78 1.12
N ALA A 196 -8.14 -15.56 0.81
CA ALA A 196 -7.84 -14.36 1.64
C ALA A 196 -9.02 -13.40 1.51
N TYR A 197 -9.14 -12.42 2.33
CA TYR A 197 -10.21 -11.38 2.18
C TYR A 197 -9.65 -10.34 1.23
N ASN A 198 -10.37 -9.79 0.29
CA ASN A 198 -9.71 -8.74 -0.57
C ASN A 198 -9.83 -7.40 0.20
N CYS A 199 -8.76 -6.74 0.48
CA CYS A 199 -8.81 -5.39 0.99
C CYS A 199 -9.21 -4.45 -0.18
N PHE A 200 -9.00 -4.86 -1.37
CA PHE A 200 -9.32 -4.06 -2.54
C PHE A 200 -9.78 -5.03 -3.62
N TYR A 201 -10.57 -4.52 -4.54
CA TYR A 201 -11.06 -5.44 -5.61
C TYR A 201 -11.34 -4.60 -6.84
N ASP A 202 -10.56 -4.70 -7.91
CA ASP A 202 -10.91 -3.74 -9.03
C ASP A 202 -11.76 -4.58 -9.93
N GLY A 203 -13.00 -4.82 -9.45
CA GLY A 203 -13.92 -5.66 -10.33
C GLY A 203 -15.38 -5.35 -10.00
N TYR A 204 -16.26 -6.10 -10.59
CA TYR A 204 -17.70 -6.09 -10.48
C TYR A 204 -18.20 -7.48 -10.15
N SER A 205 -19.48 -7.66 -9.86
CA SER A 205 -19.98 -8.97 -9.50
C SER A 205 -20.35 -9.69 -10.80
N HIS A 206 -20.50 -8.87 -11.80
CA HIS A 206 -20.75 -9.46 -13.15
C HIS A 206 -20.60 -8.35 -14.15
N ASP A 207 -20.62 -8.69 -15.42
CA ASP A 207 -20.39 -7.63 -16.41
C ASP A 207 -21.72 -6.93 -16.83
N ASP A 208 -22.39 -6.27 -15.86
CA ASP A 208 -23.61 -5.45 -16.14
C ASP A 208 -23.12 -4.02 -16.30
N ALA A 209 -23.90 -3.18 -16.84
CA ALA A 209 -23.44 -1.87 -17.04
C ALA A 209 -23.62 -0.96 -15.85
N GLU A 210 -24.40 -1.34 -14.93
CA GLU A 210 -24.70 -0.39 -13.83
C GLU A 210 -24.40 -1.09 -12.54
N THR A 211 -23.73 -2.26 -12.53
CA THR A 211 -23.57 -2.90 -11.15
C THR A 211 -22.58 -2.13 -10.34
N GLN A 212 -22.57 -2.26 -9.02
CA GLN A 212 -21.68 -1.54 -8.12
C GLN A 212 -20.20 -2.08 -8.28
N TYR A 213 -19.21 -1.19 -8.00
CA TYR A 213 -17.72 -1.49 -8.09
C TYR A 213 -17.08 -1.22 -6.75
N GLY A 214 -16.23 -2.15 -6.48
CA GLY A 214 -15.33 -2.20 -5.37
C GLY A 214 -15.42 -3.55 -4.80
N ILE A 215 -15.59 -3.48 -3.53
CA ILE A 215 -15.55 -4.65 -2.70
C ILE A 215 -16.78 -4.72 -1.79
N THR A 216 -17.64 -3.68 -1.71
CA THR A 216 -18.87 -3.91 -0.86
C THR A 216 -19.64 -5.10 -1.53
N VAL A 217 -19.31 -5.40 -2.81
CA VAL A 217 -19.94 -6.54 -3.67
C VAL A 217 -19.41 -7.94 -3.31
N LEU A 218 -18.26 -7.94 -2.76
CA LEU A 218 -17.52 -9.16 -2.37
C LEU A 218 -17.65 -9.39 -0.85
N ASN A 219 -17.86 -8.33 -0.12
CA ASN A 219 -17.91 -8.46 1.33
C ASN A 219 -19.32 -8.41 1.91
N HIS A 220 -20.04 -9.40 1.39
CA HIS A 220 -21.46 -9.75 1.68
C HIS A 220 -21.45 -10.84 2.73
N MET A 221 -21.50 -10.55 4.03
CA MET A 221 -21.40 -11.70 5.01
C MET A 221 -22.47 -11.71 6.10
N GLY A 222 -23.57 -11.08 5.73
CA GLY A 222 -24.80 -10.98 6.56
C GLY A 222 -24.54 -9.95 7.57
N SER A 223 -24.98 -10.21 8.72
CA SER A 223 -24.77 -9.28 9.74
C SER A 223 -25.36 -9.78 11.01
N MET A 224 -24.68 -9.38 12.01
CA MET A 224 -24.97 -9.70 13.38
C MET A 224 -26.19 -8.83 13.71
N ALA A 225 -27.06 -9.26 14.63
CA ALA A 225 -28.30 -8.45 14.99
C ALA A 225 -28.66 -8.59 16.49
N PHE A 226 -28.55 -7.50 17.30
CA PHE A 226 -28.72 -7.54 18.82
C PHE A 226 -30.13 -7.24 19.33
N ARG A 227 -30.47 -7.66 20.48
CA ARG A 227 -31.77 -7.29 21.09
C ARG A 227 -31.63 -7.47 22.59
N ILE A 228 -32.53 -6.94 23.35
CA ILE A 228 -32.59 -7.19 24.84
C ILE A 228 -33.56 -8.30 25.06
N VAL A 229 -33.25 -9.19 26.01
CA VAL A 229 -34.21 -10.36 26.09
C VAL A 229 -35.31 -9.90 27.00
N ASN A 230 -35.00 -8.97 27.94
CA ASN A 230 -35.97 -8.56 28.95
C ASN A 230 -37.21 -7.88 28.34
N GLU A 231 -38.35 -8.12 29.02
CA GLU A 231 -39.55 -7.36 28.66
C GLU A 231 -39.29 -5.97 29.30
N HIS A 232 -40.26 -5.08 29.09
CA HIS A 232 -40.11 -3.71 29.56
C HIS A 232 -40.54 -3.53 31.01
N ASP A 233 -39.73 -2.60 31.61
CA ASP A 233 -40.02 -2.07 32.93
C ASP A 233 -40.80 -0.75 32.66
N GLU A 234 -41.04 -0.08 33.79
CA GLU A 234 -41.79 1.20 33.65
C GLU A 234 -40.92 2.19 32.97
N HIS A 235 -39.62 2.33 33.20
CA HIS A 235 -38.89 3.40 32.43
C HIS A 235 -38.30 2.81 31.17
N LYS A 236 -37.57 3.62 30.47
CA LYS A 236 -36.96 3.17 29.18
C LYS A 236 -35.49 3.02 29.42
N THR A 237 -34.78 2.17 28.75
CA THR A 237 -33.35 1.98 29.04
C THR A 237 -32.63 1.95 27.67
N LEU A 238 -31.63 2.77 27.56
CA LEU A 238 -30.82 2.80 26.31
C LEU A 238 -29.62 1.90 26.54
N VAL A 239 -29.43 0.99 25.61
CA VAL A 239 -28.23 0.07 25.73
C VAL A 239 -27.42 0.36 24.49
N LYS A 240 -26.16 0.62 24.66
CA LYS A 240 -25.30 1.01 23.48
C LYS A 240 -24.26 -0.12 23.39
N ILE A 241 -24.20 -0.72 22.21
CA ILE A 241 -23.28 -1.85 21.94
C ILE A 241 -22.05 -1.40 21.19
N ARG A 242 -20.89 -1.81 21.76
CA ARG A 242 -19.57 -1.58 21.10
C ARG A 242 -18.91 -2.94 20.75
N VAL A 243 -18.67 -3.17 19.48
CA VAL A 243 -18.03 -4.40 19.01
C VAL A 243 -16.55 -4.16 18.81
N TYR A 244 -15.67 -4.90 19.43
CA TYR A 244 -14.20 -4.81 19.23
C TYR A 244 -13.72 -5.99 18.41
N HIS A 245 -12.76 -5.84 17.53
CA HIS A 245 -12.28 -6.96 16.72
C HIS A 245 -10.77 -7.08 16.82
N ARG A 246 -10.24 -8.25 17.04
CA ARG A 246 -8.80 -8.55 17.14
C ARG A 246 -8.47 -9.64 16.12
N ALA A 247 -7.58 -9.40 15.25
CA ALA A 247 -7.14 -10.42 14.29
C ALA A 247 -6.16 -11.36 15.00
N LYS A 248 -6.34 -12.67 14.81
CA LYS A 248 -5.35 -13.66 15.37
C LYS A 248 -5.07 -14.60 14.20
N HIS A 249 -3.80 -15.00 14.11
CA HIS A 249 -3.30 -15.89 13.03
C HIS A 249 -3.26 -15.15 11.74
N VAL A 250 -2.64 -13.99 11.69
CA VAL A 250 -2.65 -13.09 10.55
C VAL A 250 -1.79 -13.45 9.37
N GLU A 251 -2.24 -13.24 8.21
CA GLU A 251 -1.33 -13.51 7.00
C GLU A 251 -1.62 -12.38 6.03
N ALA A 252 -0.67 -11.64 5.55
CA ALA A 252 -0.97 -10.45 4.71
C ALA A 252 -0.19 -10.45 3.47
N TRP A 253 -0.66 -10.16 2.29
CA TRP A 253 0.14 -10.16 1.06
C TRP A 253 0.06 -8.81 0.37
N ILE A 254 1.08 -8.46 -0.36
CA ILE A 254 1.23 -7.32 -1.22
C ILE A 254 1.04 -5.98 -0.58
N PRO A 255 2.09 -5.36 -0.04
CA PRO A 255 1.99 -4.04 0.65
C PRO A 255 1.57 -2.96 -0.31
N ARG A 256 0.88 -1.94 0.10
CA ARG A 256 0.47 -0.83 -0.80
C ARG A 256 0.78 0.49 -0.15
N ALA A 257 0.67 1.57 -0.83
CA ALA A 257 0.89 2.95 -0.33
C ALA A 257 -0.12 3.26 0.75
N PRO A 258 0.21 3.93 1.87
CA PRO A 258 -0.75 4.16 2.96
C PRO A 258 -1.83 5.09 2.52
N ARG A 259 -3.01 5.12 3.13
CA ARG A 259 -4.06 6.03 2.83
C ARG A 259 -3.72 7.49 3.13
N ALA A 260 -3.84 8.39 2.21
CA ALA A 260 -3.47 9.78 2.46
C ALA A 260 -4.72 10.60 2.69
N LEU A 261 -5.73 10.55 1.82
CA LEU A 261 -6.95 11.39 2.00
C LEU A 261 -7.93 10.67 2.92
N PRO A 262 -8.92 11.41 3.37
CA PRO A 262 -9.95 10.92 4.27
C PRO A 262 -10.82 9.96 3.50
N TYR A 263 -11.56 9.15 4.22
CA TYR A 263 -12.47 8.14 3.68
C TYR A 263 -13.90 8.73 3.62
N THR A 264 -14.71 8.22 2.72
CA THR A 264 -16.06 8.74 2.57
C THR A 264 -17.02 7.60 2.66
N SER A 265 -16.65 6.42 2.26
CA SER A 265 -17.62 5.27 2.18
C SER A 265 -17.09 3.94 2.57
N ILE A 266 -17.87 3.01 3.13
CA ILE A 266 -17.42 1.64 3.37
C ILE A 266 -17.23 1.02 1.98
N GLY A 267 -16.03 0.55 1.75
CA GLY A 267 -15.77 -0.24 0.56
C GLY A 267 -15.45 0.47 -0.68
N ARG A 268 -15.40 1.80 -0.67
CA ARG A 268 -14.87 2.39 -1.97
C ARG A 268 -13.70 3.23 -1.53
N THR A 269 -12.84 3.48 -2.45
CA THR A 269 -11.58 4.19 -2.28
C THR A 269 -11.70 5.69 -2.33
N ASN A 270 -12.92 6.14 -2.73
CA ASN A 270 -13.30 7.49 -2.88
C ASN A 270 -12.89 8.41 -1.65
N TYR A 271 -12.42 9.52 -2.04
CA TYR A 271 -12.04 10.61 -1.14
C TYR A 271 -12.96 11.81 -1.44
N PRO A 272 -13.11 12.69 -0.48
CA PRO A 272 -13.96 13.86 -0.58
C PRO A 272 -13.47 14.94 -1.49
N LYS A 273 -14.36 15.70 -2.19
CA LYS A 273 -13.91 16.78 -3.10
C LYS A 273 -13.46 18.01 -2.38
N ASN A 274 -12.60 18.76 -3.01
CA ASN A 274 -12.10 19.97 -2.21
C ASN A 274 -11.86 19.32 -0.77
N THR A 275 -10.73 18.67 -0.85
CA THR A 275 -10.15 18.03 0.37
C THR A 275 -9.05 18.95 0.77
N GLU A 276 -8.18 18.82 1.72
CA GLU A 276 -7.07 19.87 1.83
C GLU A 276 -5.75 19.29 1.47
N PRO A 277 -4.82 20.14 1.14
CA PRO A 277 -3.44 19.59 0.77
C PRO A 277 -3.02 18.74 1.98
N VAL A 278 -2.53 17.57 1.65
CA VAL A 278 -2.11 16.59 2.68
C VAL A 278 -0.64 16.76 2.91
N ILE A 279 0.14 17.37 2.04
CA ILE A 279 1.58 17.55 2.36
C ILE A 279 1.78 18.89 3.03
N LYS A 280 2.28 19.06 4.18
CA LYS A 280 2.52 20.31 4.91
C LYS A 280 3.41 21.27 4.13
N LYS A 281 2.96 22.44 3.87
CA LYS A 281 3.78 23.44 3.15
C LYS A 281 4.85 24.00 4.08
N ARG A 282 6.04 24.17 3.53
CA ARG A 282 7.12 24.76 4.28
C ARG A 282 6.80 26.15 4.76
N LYS A 283 7.36 26.40 5.93
CA LYS A 283 7.19 27.94 6.37
C LYS A 283 8.53 28.47 5.96
N GLY A 284 8.79 28.79 4.73
CA GLY A 284 10.15 29.23 4.32
C GLY A 284 10.45 28.56 2.99
N ASP A 285 11.60 28.65 2.47
CA ASP A 285 12.20 28.05 1.43
C ASP A 285 12.38 26.59 1.31
N ILE A 286 12.85 26.22 0.05
CA ILE A 286 13.27 24.76 0.00
C ILE A 286 14.51 24.66 0.96
N LYS A 287 15.25 25.79 0.97
CA LYS A 287 16.48 25.85 1.73
C LYS A 287 16.27 25.90 3.22
N SER A 288 15.08 26.14 3.70
CA SER A 288 14.82 26.26 5.17
C SER A 288 15.10 25.13 6.06
N TYR A 289 15.42 25.27 7.32
CA TYR A 289 15.60 24.03 8.16
C TYR A 289 14.32 23.69 8.92
N GLY B 8 30.76 -9.18 -22.26
CA GLY B 8 30.31 -7.87 -22.96
C GLY B 8 28.77 -7.80 -22.77
N TYR B 9 28.32 -8.71 -21.88
CA TYR B 9 26.80 -8.62 -21.63
C TYR B 9 26.66 -7.39 -20.81
N SER B 10 25.66 -6.58 -21.10
CA SER B 10 25.45 -5.37 -20.23
C SER B 10 24.06 -5.58 -19.66
N ASP B 11 23.72 -5.01 -18.61
CA ASP B 11 22.41 -4.93 -18.08
C ASP B 11 21.43 -4.23 -19.03
N ARG B 12 22.01 -3.42 -19.87
CA ARG B 12 21.70 -2.51 -20.88
C ARG B 12 21.11 -3.03 -22.16
N VAL B 13 21.63 -4.05 -22.78
CA VAL B 13 21.06 -4.64 -23.99
C VAL B 13 20.28 -5.89 -23.66
N GLN B 14 19.16 -6.16 -24.24
CA GLN B 14 18.36 -7.32 -23.94
C GLN B 14 17.52 -7.73 -25.11
N GLN B 15 17.16 -8.99 -25.10
CA GLN B 15 16.29 -9.55 -26.12
C GLN B 15 15.23 -10.39 -25.43
N ILE B 16 13.98 -10.19 -25.69
CA ILE B 16 12.92 -11.07 -25.15
C ILE B 16 12.21 -11.72 -26.30
N THR B 17 12.21 -12.98 -26.51
CA THR B 17 11.52 -13.64 -27.61
C THR B 17 10.36 -14.42 -26.99
N LEU B 18 9.21 -14.18 -27.45
CA LEU B 18 8.01 -14.83 -26.81
C LEU B 18 7.07 -15.05 -27.97
N GLY B 19 6.91 -16.30 -28.27
CA GLY B 19 6.06 -16.76 -29.33
C GLY B 19 6.82 -16.48 -30.64
N ASN B 20 6.20 -15.69 -31.39
CA ASN B 20 6.61 -15.41 -32.82
C ASN B 20 7.02 -13.98 -32.90
N SER B 21 7.26 -13.39 -31.71
CA SER B 21 7.64 -12.00 -31.61
C SER B 21 8.84 -11.71 -30.71
N THR B 22 9.74 -10.86 -31.10
CA THR B 22 10.92 -10.51 -30.39
C THR B 22 11.11 -9.02 -30.23
N ILE B 23 11.60 -8.59 -29.11
CA ILE B 23 11.92 -7.24 -28.72
C ILE B 23 13.39 -7.06 -28.42
N THR B 24 14.07 -6.08 -28.88
CA THR B 24 15.47 -5.87 -28.54
C THR B 24 15.53 -4.46 -27.93
N THR B 25 16.21 -4.27 -26.87
CA THR B 25 16.51 -2.98 -26.32
C THR B 25 18.02 -2.88 -26.13
N GLN B 26 18.53 -1.75 -26.53
CA GLN B 26 19.98 -1.49 -26.40
C GLN B 26 20.21 -0.51 -25.26
N GLU B 27 19.20 -0.16 -24.51
CA GLU B 27 19.33 0.78 -23.42
C GLU B 27 18.40 0.56 -22.27
N ALA B 28 18.39 -0.62 -21.73
CA ALA B 28 17.58 -1.12 -20.67
C ALA B 28 18.17 -0.72 -19.32
N ALA B 29 17.51 -0.91 -18.21
CA ALA B 29 17.96 -0.72 -16.87
C ALA B 29 17.43 -1.93 -16.08
N ASN B 30 18.07 -3.04 -16.43
CA ASN B 30 17.69 -4.37 -15.76
C ASN B 30 16.20 -4.61 -16.03
N ALA B 31 15.46 -5.37 -15.31
CA ALA B 31 14.04 -5.66 -15.51
C ALA B 31 13.53 -6.08 -14.12
N VAL B 32 12.30 -5.85 -13.88
CA VAL B 32 11.76 -6.15 -12.56
C VAL B 32 10.86 -7.37 -12.75
N VAL B 33 10.93 -8.22 -11.74
CA VAL B 33 10.01 -9.39 -11.73
C VAL B 33 9.19 -9.25 -10.45
N CYS B 34 7.94 -8.85 -10.58
CA CYS B 34 7.12 -8.57 -9.42
C CYS B 34 7.28 -9.54 -8.29
N TYR B 35 7.62 -9.01 -7.10
CA TYR B 35 7.63 -9.82 -5.87
C TYR B 35 8.58 -10.97 -6.06
N ALA B 36 9.51 -10.74 -6.99
CA ALA B 36 10.55 -11.76 -7.25
C ALA B 36 9.96 -13.07 -7.66
N GLU B 37 8.85 -13.20 -8.28
CA GLU B 37 8.28 -14.41 -8.79
C GLU B 37 7.95 -14.36 -10.24
N TRP B 38 8.25 -15.36 -10.94
CA TRP B 38 8.08 -15.45 -12.44
C TRP B 38 6.84 -16.12 -12.78
N PRO B 39 6.12 -15.79 -13.81
CA PRO B 39 4.74 -16.37 -14.06
C PRO B 39 4.82 -17.87 -14.10
N GLU B 40 3.99 -18.70 -13.58
CA GLU B 40 3.93 -20.15 -13.71
C GLU B 40 2.49 -20.66 -13.83
N TYR B 41 2.23 -21.83 -14.37
CA TYR B 41 0.83 -22.32 -14.48
C TYR B 41 0.30 -22.70 -13.10
N LEU B 42 -1.02 -23.02 -13.18
CA LEU B 42 -1.74 -23.28 -11.94
C LEU B 42 -1.56 -24.72 -11.51
N PRO B 43 -0.92 -24.93 -10.41
CA PRO B 43 -0.70 -26.26 -9.86
C PRO B 43 -1.96 -26.94 -9.39
N ASP B 44 -2.02 -28.28 -9.39
CA ASP B 44 -3.21 -29.01 -9.00
C ASP B 44 -3.56 -28.78 -7.53
N VAL B 45 -2.52 -28.66 -6.76
CA VAL B 45 -2.73 -28.57 -5.27
C VAL B 45 -3.53 -27.28 -5.02
N ASP B 46 -3.41 -26.32 -5.91
CA ASP B 46 -4.12 -25.05 -5.79
C ASP B 46 -5.44 -24.94 -6.58
N ALA B 47 -5.72 -25.88 -7.41
CA ALA B 47 -6.87 -25.97 -8.26
C ALA B 47 -8.16 -26.24 -7.53
N SER B 48 -9.26 -25.77 -8.07
CA SER B 48 -10.58 -25.98 -7.57
C SER B 48 -11.54 -26.43 -8.69
N ASP B 49 -11.71 -25.63 -9.69
CA ASP B 49 -12.55 -26.02 -10.87
C ASP B 49 -12.04 -27.35 -11.42
N VAL B 50 -12.91 -28.33 -11.74
CA VAL B 50 -12.41 -29.63 -12.14
C VAL B 50 -12.11 -29.68 -13.62
N ASN B 51 -12.33 -28.61 -14.31
CA ASN B 51 -12.17 -28.64 -15.79
C ASN B 51 -10.73 -28.67 -16.23
N LYS B 52 -10.41 -29.43 -17.20
CA LYS B 52 -8.97 -29.43 -17.76
C LYS B 52 -8.76 -28.08 -18.33
N THR B 53 -7.72 -27.32 -18.25
CA THR B 53 -7.68 -25.95 -18.86
C THR B 53 -7.10 -25.94 -20.24
N SER B 54 -7.15 -24.85 -20.99
CA SER B 54 -6.66 -24.84 -22.42
C SER B 54 -5.44 -23.97 -22.44
N LYS B 55 -4.39 -24.39 -23.07
CA LYS B 55 -3.15 -23.50 -22.95
C LYS B 55 -2.70 -23.23 -24.35
N PRO B 56 -3.23 -22.22 -24.98
CA PRO B 56 -2.99 -21.93 -26.39
C PRO B 56 -1.53 -21.69 -26.62
N ASP B 57 -0.72 -21.49 -25.56
CA ASP B 57 0.68 -21.33 -25.79
C ASP B 57 1.03 -20.17 -26.73
N THR B 58 1.80 -20.48 -27.76
CA THR B 58 2.40 -19.47 -28.61
C THR B 58 1.42 -18.61 -29.34
N SER B 59 0.20 -18.93 -29.44
CA SER B 59 -0.77 -18.11 -30.20
C SER B 59 -1.29 -17.02 -29.30
N VAL B 60 -1.25 -17.11 -28.01
CA VAL B 60 -1.64 -16.10 -27.09
C VAL B 60 -0.42 -15.56 -26.38
N CYS B 61 0.66 -16.29 -26.29
CA CYS B 61 1.81 -15.73 -25.48
C CYS B 61 2.81 -15.07 -26.34
N ARG B 62 2.46 -14.02 -27.02
CA ARG B 62 3.34 -13.27 -27.93
C ARG B 62 3.18 -11.82 -27.54
N PHE B 63 3.84 -10.90 -28.24
CA PHE B 63 3.82 -9.46 -27.81
C PHE B 63 2.82 -8.66 -28.57
N TYR B 64 1.84 -8.08 -27.93
CA TYR B 64 0.90 -7.12 -28.61
C TYR B 64 1.34 -5.68 -28.32
N THR B 65 1.57 -4.87 -29.35
CA THR B 65 1.92 -3.44 -29.12
C THR B 65 0.68 -2.59 -29.16
N LEU B 66 0.16 -2.10 -28.08
CA LEU B 66 -0.91 -1.11 -28.02
C LEU B 66 -0.55 0.18 -28.80
N ASP B 67 -1.64 0.86 -29.16
CA ASP B 67 -1.44 2.17 -29.83
C ASP B 67 -0.65 3.17 -29.08
N SER B 68 0.13 4.00 -29.76
CA SER B 68 1.07 4.89 -29.03
C SER B 68 0.65 6.09 -28.32
N LYS B 69 1.14 6.57 -27.26
CA LYS B 69 0.73 7.83 -26.57
C LYS B 69 1.77 8.93 -26.91
N THR B 70 1.39 10.18 -26.61
CA THR B 70 2.27 11.31 -26.86
C THR B 70 2.55 12.14 -25.62
N TRP B 71 3.78 12.08 -25.22
CA TRP B 71 4.20 12.76 -23.95
C TRP B 71 4.50 14.17 -24.43
N THR B 72 3.85 15.02 -23.74
CA THR B 72 4.07 16.46 -23.96
C THR B 72 4.16 17.06 -22.53
N THR B 73 4.59 18.30 -22.66
CA THR B 73 4.90 19.00 -21.42
C THR B 73 3.71 19.12 -20.56
N GLY B 74 2.53 18.96 -21.13
CA GLY B 74 1.38 19.01 -20.22
C GLY B 74 0.86 17.70 -19.74
N SER B 75 1.49 16.59 -20.09
CA SER B 75 0.91 15.22 -19.82
C SER B 75 0.74 14.96 -18.37
N LYS B 76 -0.29 14.31 -17.91
CA LYS B 76 -0.38 13.96 -16.49
C LYS B 76 -0.04 12.48 -16.30
N GLY B 77 -0.32 11.62 -17.21
CA GLY B 77 0.08 10.16 -17.01
C GLY B 77 -0.97 9.31 -17.63
N TRP B 78 -0.83 8.03 -17.86
CA TRP B 78 -1.89 7.18 -18.50
C TRP B 78 -2.04 5.91 -17.67
N CYS B 79 -3.13 5.25 -17.76
CA CYS B 79 -3.37 4.06 -16.97
C CYS B 79 -4.07 3.02 -17.82
N TRP B 80 -3.57 1.80 -17.87
CA TRP B 80 -4.18 0.68 -18.59
C TRP B 80 -4.51 -0.42 -17.55
N LYS B 81 -5.52 -1.17 -17.80
CA LYS B 81 -5.87 -2.30 -16.88
C LYS B 81 -5.63 -3.60 -17.62
N LEU B 82 -5.25 -4.68 -16.94
CA LEU B 82 -5.03 -6.03 -17.52
C LEU B 82 -5.99 -7.02 -16.86
N PRO B 83 -6.61 -7.96 -17.58
CA PRO B 83 -6.41 -8.17 -19.00
C PRO B 83 -7.12 -7.28 -19.95
N ASP B 84 -7.81 -6.25 -19.55
CA ASP B 84 -8.60 -5.38 -20.42
C ASP B 84 -7.86 -4.87 -21.67
N ALA B 85 -6.76 -4.17 -21.46
CA ALA B 85 -5.97 -3.65 -22.53
C ALA B 85 -5.85 -4.68 -23.62
N LEU B 86 -5.85 -5.94 -23.34
CA LEU B 86 -5.65 -6.92 -24.44
C LEU B 86 -6.95 -7.52 -24.91
N LYS B 87 -8.10 -7.16 -24.50
CA LYS B 87 -9.43 -7.72 -24.78
C LYS B 87 -9.70 -7.90 -26.23
N ASP B 88 -9.01 -7.23 -27.09
CA ASP B 88 -9.13 -7.34 -28.51
C ASP B 88 -7.91 -7.78 -29.26
N MET B 89 -6.86 -8.28 -28.63
CA MET B 89 -5.68 -8.66 -29.36
C MET B 89 -5.77 -10.11 -29.76
N GLY B 90 -5.86 -10.30 -31.03
CA GLY B 90 -5.71 -11.62 -31.70
C GLY B 90 -6.49 -12.70 -30.99
N VAL B 91 -5.90 -13.88 -30.91
CA VAL B 91 -6.59 -15.01 -30.26
C VAL B 91 -6.61 -14.88 -28.75
N PHE B 92 -5.81 -13.99 -28.16
CA PHE B 92 -5.81 -13.83 -26.69
C PHE B 92 -7.23 -13.40 -26.34
N GLY B 93 -7.62 -12.31 -26.98
CA GLY B 93 -8.94 -11.77 -26.81
C GLY B 93 -10.04 -12.72 -27.07
N GLN B 94 -9.99 -13.55 -28.07
CA GLN B 94 -11.15 -14.42 -28.37
C GLN B 94 -11.37 -15.38 -27.20
N ASN B 95 -10.26 -15.97 -26.79
CA ASN B 95 -10.21 -16.97 -25.71
C ASN B 95 -10.86 -16.36 -24.48
N MET B 96 -10.50 -15.09 -24.27
CA MET B 96 -10.98 -14.30 -23.15
C MET B 96 -12.47 -14.23 -23.10
N PHE B 97 -13.14 -13.91 -24.21
CA PHE B 97 -14.60 -13.78 -24.26
C PHE B 97 -15.34 -15.09 -24.28
N PHE B 98 -14.70 -16.12 -24.76
CA PHE B 98 -15.20 -17.44 -24.91
C PHE B 98 -15.01 -18.29 -23.68
N HIS B 99 -14.08 -18.17 -22.76
CA HIS B 99 -14.11 -19.06 -21.58
C HIS B 99 -14.66 -18.33 -20.38
N SER B 100 -15.25 -19.04 -19.51
CA SER B 100 -15.76 -18.64 -18.22
C SER B 100 -14.66 -18.15 -17.30
N LEU B 101 -13.49 -18.68 -17.34
CA LEU B 101 -12.38 -18.35 -16.42
C LEU B 101 -11.08 -18.32 -17.14
N GLY B 102 -10.10 -17.62 -16.71
CA GLY B 102 -8.79 -17.67 -17.53
C GLY B 102 -7.77 -17.18 -16.49
N ARG B 103 -6.54 -17.25 -16.80
CA ARG B 103 -5.49 -16.78 -15.81
C ARG B 103 -4.27 -16.45 -16.61
N SER B 104 -3.48 -15.43 -16.20
CA SER B 104 -2.30 -15.10 -17.03
C SER B 104 -1.27 -14.26 -16.34
N GLY B 105 -0.04 -14.28 -16.71
CA GLY B 105 1.02 -13.40 -16.20
C GLY B 105 1.37 -12.55 -17.43
N TYR B 106 2.25 -11.56 -17.35
CA TYR B 106 2.57 -10.78 -18.55
C TYR B 106 4.01 -10.30 -18.52
N THR B 107 4.57 -10.00 -19.67
CA THR B 107 5.81 -9.23 -19.73
C THR B 107 5.38 -7.84 -20.27
N VAL B 108 5.61 -6.76 -19.60
CA VAL B 108 5.25 -5.39 -20.04
C VAL B 108 6.52 -4.70 -20.47
N HIS B 109 6.56 -4.13 -21.63
CA HIS B 109 7.84 -3.44 -22.09
C HIS B 109 7.48 -2.03 -22.45
N VAL B 110 7.72 -0.99 -21.72
CA VAL B 110 7.34 0.41 -22.09
C VAL B 110 8.54 1.10 -22.74
N GLN B 111 8.34 1.72 -23.87
CA GLN B 111 9.39 2.31 -24.70
C GLN B 111 9.30 3.83 -24.89
N CYS B 112 10.41 4.52 -24.69
CA CYS B 112 10.43 5.96 -24.96
C CYS B 112 11.83 6.44 -25.22
N ASN B 113 12.22 6.69 -26.44
CA ASN B 113 13.64 7.14 -26.68
C ASN B 113 13.69 8.64 -27.03
N ALA B 114 14.77 9.30 -26.80
CA ALA B 114 14.91 10.76 -26.98
C ALA B 114 16.32 11.04 -27.44
N THR B 115 17.03 12.01 -26.93
CA THR B 115 18.47 12.17 -27.32
C THR B 115 19.21 12.61 -26.07
N LYS B 116 20.55 12.78 -26.15
CA LYS B 116 21.28 13.18 -24.91
C LYS B 116 21.07 14.64 -24.58
N PHE B 117 20.15 15.33 -25.22
CA PHE B 117 19.90 16.76 -24.85
C PHE B 117 18.54 16.83 -24.15
N HIS B 118 17.71 15.79 -24.32
CA HIS B 118 16.38 15.80 -23.62
C HIS B 118 16.54 15.47 -22.15
N SER B 119 15.56 15.74 -21.32
CA SER B 119 15.46 15.42 -19.91
C SER B 119 13.97 15.02 -19.73
N GLY B 120 13.72 14.34 -18.68
CA GLY B 120 12.27 13.89 -18.43
C GLY B 120 12.46 12.52 -17.74
N CYS B 121 11.52 12.11 -16.97
CA CYS B 121 11.62 10.82 -16.30
C CYS B 121 10.26 10.24 -16.06
N LEU B 122 9.86 9.08 -16.54
CA LEU B 122 8.52 8.51 -16.36
C LEU B 122 8.58 7.47 -15.24
N LEU B 123 7.58 7.25 -14.46
CA LEU B 123 7.53 6.13 -13.48
C LEU B 123 6.71 5.03 -14.16
N VAL B 124 7.09 3.83 -14.28
CA VAL B 124 6.31 2.75 -14.87
C VAL B 124 5.95 1.81 -13.73
N VAL B 125 4.74 1.67 -13.28
CA VAL B 125 4.45 0.87 -12.07
C VAL B 125 3.31 -0.06 -12.29
N VAL B 126 3.31 -1.20 -11.64
CA VAL B 126 2.20 -2.17 -11.77
C VAL B 126 1.48 -2.25 -10.44
N ILE B 127 0.22 -1.96 -10.34
CA ILE B 127 -0.49 -2.00 -9.04
C ILE B 127 -1.47 -3.15 -8.95
N PRO B 128 -1.23 -4.16 -8.13
CA PRO B 128 -2.18 -5.29 -8.03
C PRO B 128 -3.42 -4.73 -7.36
N GLU B 129 -4.58 -5.09 -7.86
CA GLU B 129 -5.89 -4.68 -7.43
C GLU B 129 -6.11 -3.22 -7.29
N HIS B 130 -5.87 -2.41 -8.24
CA HIS B 130 -6.06 -0.97 -8.25
C HIS B 130 -7.50 -0.51 -8.29
N GLN B 131 -8.21 -0.54 -7.22
CA GLN B 131 -9.65 -0.13 -7.14
C GLN B 131 -9.67 1.38 -7.24
N LEU B 132 -10.25 1.96 -8.25
CA LEU B 132 -10.25 3.43 -8.52
C LEU B 132 -11.27 4.13 -7.63
N ALA B 133 -11.20 5.42 -7.52
CA ALA B 133 -12.17 6.22 -6.72
C ALA B 133 -13.05 7.02 -7.65
N SER B 134 -14.29 7.27 -7.23
CA SER B 134 -15.20 8.13 -8.04
C SER B 134 -14.81 9.56 -7.76
N HIS B 135 -14.72 10.43 -8.70
CA HIS B 135 -14.45 11.87 -8.37
C HIS B 135 -15.63 12.49 -7.67
N GLU B 136 -16.82 11.94 -7.74
CA GLU B 136 -17.95 12.46 -7.00
C GLU B 136 -17.82 12.41 -5.49
N GLY B 137 -17.01 11.57 -4.94
CA GLY B 137 -16.91 11.43 -3.46
C GLY B 137 -17.99 10.50 -2.95
N GLY B 138 -18.29 10.62 -1.68
CA GLY B 138 -19.39 9.82 -1.08
C GLY B 138 -19.29 8.38 -1.39
N ASN B 139 -20.25 7.76 -1.98
CA ASN B 139 -20.14 6.31 -2.32
C ASN B 139 -20.62 6.14 -3.74
N VAL B 140 -20.33 7.14 -4.55
CA VAL B 140 -20.68 7.07 -5.99
C VAL B 140 -19.82 5.94 -6.56
N SER B 141 -20.37 5.11 -7.44
CA SER B 141 -19.51 3.99 -7.98
C SER B 141 -18.82 4.45 -9.24
N VAL B 142 -17.94 3.69 -9.82
CA VAL B 142 -17.27 4.00 -11.07
C VAL B 142 -17.82 2.96 -12.06
N LYS B 143 -18.60 3.38 -13.02
CA LYS B 143 -19.22 2.43 -13.93
C LYS B 143 -18.12 1.68 -14.75
N TYR B 144 -18.53 0.47 -15.08
CA TYR B 144 -17.88 -0.59 -15.80
C TYR B 144 -17.09 -0.07 -16.98
N THR B 145 -17.84 0.46 -17.88
CA THR B 145 -17.16 1.08 -19.05
C THR B 145 -16.01 1.94 -18.64
N PHE B 146 -16.16 2.73 -17.64
CA PHE B 146 -15.03 3.59 -17.24
C PHE B 146 -13.82 2.87 -16.78
N THR B 147 -13.88 1.70 -16.27
CA THR B 147 -12.75 0.96 -15.78
C THR B 147 -12.41 -0.11 -16.81
N HIS B 148 -12.91 -0.03 -17.98
CA HIS B 148 -12.59 -0.98 -19.03
C HIS B 148 -12.29 -0.25 -20.34
N PRO B 149 -11.40 0.74 -20.30
CA PRO B 149 -11.05 1.52 -21.44
C PRO B 149 -10.49 0.74 -22.56
N GLY B 150 -10.08 -0.49 -22.39
CA GLY B 150 -9.53 -1.24 -23.58
C GLY B 150 -8.15 -0.65 -23.85
N GLU B 151 -7.74 -0.83 -25.08
CA GLU B 151 -6.32 -0.54 -25.47
C GLU B 151 -6.07 0.90 -25.30
N ARG B 152 -7.07 1.72 -25.33
CA ARG B 152 -6.94 3.18 -25.19
C ARG B 152 -6.42 3.57 -23.83
N GLY B 153 -6.80 2.81 -22.81
CA GLY B 153 -6.38 3.07 -21.42
C GLY B 153 -7.09 4.34 -20.97
N ILE B 154 -6.81 4.85 -19.86
CA ILE B 154 -7.36 6.02 -19.24
C ILE B 154 -6.34 7.14 -19.33
N ASP B 155 -6.69 8.35 -19.67
CA ASP B 155 -5.76 9.46 -19.82
C ASP B 155 -6.07 10.41 -18.66
N LEU B 156 -5.14 10.36 -17.76
CA LEU B 156 -5.20 11.15 -16.54
C LEU B 156 -5.25 12.62 -16.79
N SER B 157 -5.21 13.07 -18.00
CA SER B 157 -5.26 14.57 -18.18
C SER B 157 -6.54 14.86 -18.95
N SER B 158 -7.35 13.84 -19.12
CA SER B 158 -8.68 13.99 -19.73
C SER B 158 -9.59 14.56 -18.65
N ALA B 159 -10.77 14.97 -19.01
CA ALA B 159 -11.70 15.57 -18.00
C ALA B 159 -12.50 14.60 -17.17
N ASN B 160 -12.89 15.02 -15.96
CA ASN B 160 -13.80 14.11 -15.19
C ASN B 160 -14.99 13.79 -16.07
N GLU B 161 -15.47 12.58 -16.04
CA GLU B 161 -16.74 12.27 -16.80
C GLU B 161 -17.68 11.65 -15.78
N VAL B 162 -18.88 11.33 -16.21
CA VAL B 162 -19.89 10.99 -15.11
C VAL B 162 -19.90 9.51 -15.00
N GLY B 163 -19.54 9.01 -13.84
CA GLY B 163 -19.58 7.53 -13.70
C GLY B 163 -18.18 6.98 -13.92
N GLY B 164 -17.33 7.93 -14.26
CA GLY B 164 -15.90 7.61 -14.44
C GLY B 164 -15.17 7.82 -13.10
N PRO B 165 -13.88 7.42 -13.09
CA PRO B 165 -13.01 7.58 -11.94
C PRO B 165 -12.46 8.99 -11.85
N VAL B 166 -11.85 9.33 -10.75
CA VAL B 166 -11.15 10.64 -10.56
C VAL B 166 -9.83 10.56 -11.30
N LYS B 167 -9.23 11.64 -11.80
CA LYS B 167 -7.96 11.42 -12.58
C LYS B 167 -6.84 12.24 -12.04
N ASP B 168 -6.91 12.60 -10.82
CA ASP B 168 -5.93 13.41 -10.06
C ASP B 168 -4.65 12.68 -9.86
N VAL B 169 -3.54 12.88 -10.44
CA VAL B 169 -2.31 12.18 -10.23
C VAL B 169 -1.71 12.22 -8.81
N LEU B 170 -1.60 13.34 -8.09
CA LEU B 170 -0.89 13.23 -6.75
C LEU B 170 -1.68 12.19 -5.93
N TYR B 171 -2.82 11.67 -6.29
CA TYR B 171 -3.50 10.68 -5.45
C TYR B 171 -3.68 9.30 -6.03
N ASN B 172 -2.98 8.86 -7.06
CA ASN B 172 -3.02 7.54 -7.62
C ASN B 172 -4.44 7.11 -7.98
N MET B 173 -5.38 7.99 -8.17
CA MET B 173 -6.75 7.58 -8.48
C MET B 173 -7.39 6.79 -7.33
N ASN B 174 -6.85 6.92 -6.11
CA ASN B 174 -7.46 6.23 -4.98
C ASN B 174 -7.18 6.79 -3.61
N GLY B 175 -6.73 7.96 -3.33
CA GLY B 175 -6.58 8.39 -1.97
C GLY B 175 -5.24 8.04 -1.40
N THR B 176 -4.27 7.75 -2.21
CA THR B 176 -2.85 7.51 -1.68
C THR B 176 -1.91 8.42 -2.40
N LEU B 177 -0.75 8.73 -1.90
CA LEU B 177 0.12 9.73 -2.58
C LEU B 177 1.03 9.17 -3.64
N LEU B 178 1.20 9.86 -4.76
CA LEU B 178 2.05 9.47 -5.88
C LEU B 178 3.43 9.03 -5.36
N GLY B 179 4.03 9.78 -4.52
CA GLY B 179 5.30 9.44 -3.91
C GLY B 179 5.43 8.06 -3.41
N ASN B 180 4.42 7.34 -2.94
CA ASN B 180 4.53 6.01 -2.37
C ASN B 180 4.20 4.90 -3.29
N LEU B 181 4.10 5.12 -4.51
CA LEU B 181 3.76 4.11 -5.54
C LEU B 181 4.98 3.23 -5.70
N LEU B 182 6.08 3.71 -5.18
CA LEU B 182 7.37 3.01 -5.28
C LEU B 182 7.30 1.74 -4.45
N ILE B 183 6.32 1.60 -3.52
CA ILE B 183 6.23 0.28 -2.85
C ILE B 183 5.74 -0.79 -3.86
N PHE B 184 5.17 -0.45 -5.01
CA PHE B 184 4.76 -1.44 -6.03
C PHE B 184 5.88 -1.72 -7.01
N PRO B 185 5.94 -2.94 -7.56
CA PRO B 185 7.03 -3.26 -8.56
C PRO B 185 7.07 -2.14 -9.56
N HIS B 186 8.15 -1.51 -9.78
CA HIS B 186 8.13 -0.40 -10.77
C HIS B 186 9.51 -0.18 -11.29
N GLN B 187 9.59 0.67 -12.28
CA GLN B 187 11.01 0.96 -12.90
C GLN B 187 10.90 2.33 -13.44
N PHE B 188 11.89 3.18 -13.55
CA PHE B 188 11.78 4.57 -14.06
C PHE B 188 12.30 4.55 -15.50
N ILE B 189 11.94 5.45 -16.34
CA ILE B 189 12.55 5.61 -17.69
C ILE B 189 13.17 7.04 -17.60
N ASN B 190 14.41 7.20 -17.39
CA ASN B 190 15.01 8.60 -17.23
C ASN B 190 15.80 8.79 -18.55
N LEU B 191 15.32 9.71 -19.37
CA LEU B 191 15.85 9.86 -20.74
C LEU B 191 17.34 9.78 -20.71
N ARG B 192 17.95 10.32 -19.69
CA ARG B 192 19.40 10.33 -19.60
C ARG B 192 19.99 8.97 -19.35
N THR B 193 19.30 7.93 -18.96
CA THR B 193 19.80 6.65 -18.58
C THR B 193 19.33 5.51 -19.44
N ASN B 194 18.15 5.20 -19.39
CA ASN B 194 17.11 4.39 -19.78
C ASN B 194 16.34 4.69 -21.00
N ASN B 195 15.76 3.80 -21.77
CA ASN B 195 14.86 4.16 -22.90
C ASN B 195 13.69 3.20 -22.85
N THR B 196 13.78 2.13 -22.11
CA THR B 196 12.66 1.20 -21.89
C THR B 196 12.61 0.85 -20.42
N ALA B 197 11.53 0.22 -20.02
CA ALA B 197 11.18 -0.32 -18.70
C ALA B 197 10.57 -1.70 -18.99
N THR B 198 10.91 -2.74 -18.29
CA THR B 198 10.33 -4.08 -18.49
C THR B 198 9.98 -4.66 -17.12
N ILE B 199 8.77 -5.10 -16.98
CA ILE B 199 8.32 -5.70 -15.72
C ILE B 199 7.70 -7.04 -16.03
N VAL B 200 8.02 -8.11 -15.37
CA VAL B 200 7.37 -9.45 -15.56
C VAL B 200 6.39 -9.57 -14.43
N ILE B 201 5.13 -9.84 -14.73
CA ILE B 201 4.04 -9.92 -13.74
C ILE B 201 3.54 -11.37 -13.60
N PRO B 202 3.72 -11.94 -12.43
CA PRO B 202 3.18 -13.26 -12.11
C PRO B 202 1.70 -13.08 -11.85
N TYR B 203 0.86 -14.02 -11.90
CA TYR B 203 -0.58 -13.93 -11.66
C TYR B 203 -0.85 -13.68 -10.21
N ILE B 204 -1.45 -12.63 -9.74
CA ILE B 204 -1.66 -12.36 -8.29
C ILE B 204 -3.13 -12.28 -7.97
N ASN B 205 -3.73 -13.16 -7.30
CA ASN B 205 -5.18 -13.13 -6.98
C ASN B 205 -5.42 -13.90 -5.70
N SER B 206 -6.61 -13.80 -5.11
CA SER B 206 -7.00 -14.49 -3.88
C SER B 206 -7.81 -15.76 -4.26
N VAL B 207 -7.99 -15.98 -5.52
CA VAL B 207 -8.59 -17.21 -6.04
C VAL B 207 -7.69 -17.77 -7.12
N PRO B 208 -7.77 -19.09 -7.35
CA PRO B 208 -6.83 -19.72 -8.27
C PRO B 208 -6.96 -19.33 -9.72
N ILE B 209 -8.09 -18.93 -10.14
CA ILE B 209 -8.47 -18.55 -11.51
C ILE B 209 -9.75 -17.70 -11.32
N ASP B 210 -9.97 -16.80 -12.20
CA ASP B 210 -11.08 -15.85 -12.04
C ASP B 210 -11.71 -15.52 -13.34
N SER B 211 -12.62 -14.60 -13.37
CA SER B 211 -13.23 -14.17 -14.64
C SER B 211 -12.36 -13.13 -15.27
N MET B 212 -12.15 -13.12 -16.56
CA MET B 212 -11.26 -12.10 -17.15
C MET B 212 -12.00 -10.86 -17.46
N THR B 213 -13.31 -10.86 -17.43
CA THR B 213 -14.05 -9.66 -17.83
C THR B 213 -14.55 -8.98 -16.63
N ARG B 214 -14.99 -9.56 -15.57
CA ARG B 214 -15.55 -8.72 -14.46
C ARG B 214 -14.46 -8.27 -13.55
N HIS B 215 -13.24 -8.68 -13.72
CA HIS B 215 -12.20 -8.22 -12.73
C HIS B 215 -10.85 -8.03 -13.35
N ASN B 216 -10.24 -6.89 -13.25
CA ASN B 216 -8.92 -6.63 -13.82
C ASN B 216 -7.97 -6.86 -12.64
N ASN B 217 -6.83 -7.46 -12.86
CA ASN B 217 -6.01 -7.76 -11.68
C ASN B 217 -4.81 -6.90 -11.61
N VAL B 218 -4.46 -6.06 -12.55
CA VAL B 218 -3.34 -5.09 -12.34
C VAL B 218 -3.69 -3.86 -13.20
N SER B 219 -3.21 -2.75 -12.75
CA SER B 219 -3.29 -1.55 -13.68
C SER B 219 -1.78 -1.29 -13.94
N LEU B 220 -1.43 -1.02 -15.12
CA LEU B 220 -0.06 -0.60 -15.50
C LEU B 220 -0.20 0.91 -15.50
N MET B 221 0.67 1.67 -15.00
CA MET B 221 0.53 3.15 -14.99
C MET B 221 1.82 3.77 -15.47
N VAL B 222 1.80 4.65 -16.42
CA VAL B 222 3.06 5.35 -16.86
C VAL B 222 2.81 6.81 -16.48
N ILE B 223 3.60 7.42 -15.64
CA ILE B 223 3.39 8.82 -15.16
C ILE B 223 4.57 9.68 -15.34
N PRO B 224 4.51 10.76 -16.10
CA PRO B 224 5.71 11.67 -16.19
C PRO B 224 5.93 12.23 -14.79
N ILE B 225 7.07 12.27 -14.24
CA ILE B 225 7.37 12.84 -12.92
C ILE B 225 8.32 14.03 -13.11
N ALA B 226 9.45 13.86 -13.77
CA ALA B 226 10.27 15.04 -14.10
C ALA B 226 9.74 15.31 -15.55
N PRO B 227 9.16 16.48 -15.70
CA PRO B 227 8.59 16.95 -16.96
C PRO B 227 9.52 16.79 -18.12
N LEU B 228 8.90 16.60 -19.29
CA LEU B 228 9.74 16.44 -20.53
C LEU B 228 10.36 17.78 -20.85
N THR B 229 11.61 17.81 -21.12
CA THR B 229 12.26 19.10 -21.52
C THR B 229 13.03 18.91 -22.78
N VAL B 230 12.56 19.41 -23.93
CA VAL B 230 13.33 19.13 -25.17
C VAL B 230 14.38 20.19 -25.44
N PRO B 231 15.38 19.79 -26.20
CA PRO B 231 16.44 20.75 -26.61
C PRO B 231 15.74 21.87 -27.36
N THR B 232 16.44 22.97 -27.47
CA THR B 232 16.00 24.18 -28.07
C THR B 232 15.56 24.03 -29.52
N GLY B 233 14.31 24.58 -29.61
CA GLY B 233 13.65 24.45 -30.95
C GLY B 233 13.49 23.01 -31.38
N ALA B 234 13.40 22.12 -30.41
CA ALA B 234 13.06 20.71 -30.76
C ALA B 234 11.55 20.69 -30.74
N THR B 235 10.96 19.72 -31.39
CA THR B 235 9.52 19.55 -31.17
C THR B 235 9.30 19.20 -29.69
N PRO B 236 8.37 19.82 -29.17
CA PRO B 236 8.12 19.58 -27.72
C PRO B 236 7.38 18.33 -27.45
N SER B 237 7.63 17.21 -28.06
CA SER B 237 6.91 15.97 -27.52
C SER B 237 7.63 14.73 -27.94
N LEU B 238 7.38 13.62 -27.27
CA LEU B 238 7.96 12.26 -27.61
C LEU B 238 6.82 11.27 -27.57
N PRO B 239 6.78 10.27 -28.39
CA PRO B 239 5.70 9.20 -28.26
C PRO B 239 6.14 8.24 -27.19
N ILE B 240 5.25 7.62 -26.51
CA ILE B 240 5.58 6.52 -25.53
C ILE B 240 4.88 5.27 -26.11
N THR B 241 5.47 4.15 -26.29
CA THR B 241 4.72 2.96 -26.78
C THR B 241 4.64 1.88 -25.75
N VAL B 242 3.54 1.20 -25.57
CA VAL B 242 3.50 0.09 -24.56
C VAL B 242 3.34 -1.23 -25.29
N THR B 243 4.21 -2.22 -25.19
CA THR B 243 4.00 -3.57 -25.82
C THR B 243 3.83 -4.54 -24.70
N ILE B 244 2.87 -5.37 -24.63
CA ILE B 244 2.59 -6.34 -23.57
C ILE B 244 2.34 -7.76 -24.08
N ALA B 245 2.91 -8.77 -23.42
CA ALA B 245 2.71 -10.18 -23.84
C ALA B 245 2.14 -11.05 -22.78
N PRO B 246 1.00 -11.63 -22.94
CA PRO B 246 0.49 -12.62 -21.97
C PRO B 246 1.54 -13.73 -21.89
N MET B 247 1.65 -14.29 -20.69
CA MET B 247 2.64 -15.43 -20.52
C MET B 247 2.03 -16.37 -19.49
N CYS B 248 2.24 -17.66 -19.80
CA CYS B 248 1.65 -18.81 -19.17
C CYS B 248 0.11 -18.70 -19.14
N THR B 249 -0.56 -18.29 -20.13
CA THR B 249 -2.01 -18.15 -20.11
C THR B 249 -2.73 -19.45 -20.11
N GLU B 250 -3.81 -19.55 -19.33
CA GLU B 250 -4.67 -20.77 -19.28
C GLU B 250 -6.14 -20.29 -19.28
N PHE B 251 -6.94 -20.97 -20.04
CA PHE B 251 -8.38 -20.62 -20.08
C PHE B 251 -9.12 -21.85 -19.65
N SER B 252 -10.24 -21.70 -19.04
CA SER B 252 -11.06 -22.85 -18.60
C SER B 252 -12.51 -22.49 -18.57
N GLY B 253 -13.35 -23.52 -18.77
CA GLY B 253 -14.83 -23.32 -18.77
C GLY B 253 -15.29 -22.63 -20.03
N ILE B 254 -15.16 -23.30 -21.17
CA ILE B 254 -15.49 -22.83 -22.48
C ILE B 254 -17.00 -23.00 -22.72
N ARG B 255 -17.49 -22.09 -23.51
CA ARG B 255 -18.93 -22.03 -23.79
C ARG B 255 -19.29 -21.01 -24.86
N SER B 256 -20.32 -20.28 -24.52
CA SER B 256 -21.00 -19.46 -25.46
C SER B 256 -20.32 -18.19 -25.70
N LYS B 257 -19.55 -17.53 -24.95
CA LYS B 257 -19.03 -16.19 -25.47
C LYS B 257 -19.73 -15.00 -24.79
N SER B 258 -19.09 -14.41 -23.81
CA SER B 258 -19.59 -13.38 -22.98
C SER B 258 -19.99 -12.17 -23.82
N ILE B 259 -21.02 -11.53 -23.28
CA ILE B 259 -21.48 -10.21 -23.91
C ILE B 259 -21.26 -9.14 -22.86
N VAL B 260 -20.46 -8.13 -23.10
CA VAL B 260 -20.24 -7.23 -21.86
C VAL B 260 -20.73 -5.87 -22.22
N PRO B 261 -21.14 -5.10 -21.22
CA PRO B 261 -21.56 -3.77 -21.44
C PRO B 261 -20.61 -3.01 -22.39
N GLN B 262 -21.39 -2.24 -23.16
CA GLN B 262 -21.04 -1.19 -24.10
C GLN B 262 -20.24 -1.71 -25.26
N GLY C 1 -15.05 -29.67 44.08
CA GLY C 1 -14.69 -28.14 44.05
C GLY C 1 -13.44 -27.49 44.49
N LEU C 2 -12.46 -27.09 43.64
CA LEU C 2 -11.17 -26.54 44.01
C LEU C 2 -11.16 -25.12 44.48
N PRO C 3 -10.66 -24.75 45.66
CA PRO C 3 -10.71 -23.36 46.19
C PRO C 3 -9.91 -22.37 45.42
N THR C 4 -10.42 -21.23 45.01
CA THR C 4 -9.78 -20.17 44.26
C THR C 4 -9.97 -18.83 44.98
N THR C 5 -9.22 -17.84 44.56
CA THR C 5 -9.27 -16.46 45.00
C THR C 5 -9.22 -15.51 43.82
N THR C 6 -10.07 -14.54 43.58
CA THR C 6 -9.82 -13.78 42.27
C THR C 6 -9.02 -12.59 42.53
N LEU C 7 -8.13 -12.18 41.61
CA LEU C 7 -7.24 -11.00 41.88
C LEU C 7 -7.84 -9.71 41.27
N PRO C 8 -7.21 -8.62 41.68
CA PRO C 8 -7.54 -7.31 41.10
C PRO C 8 -7.40 -7.49 39.60
N GLY C 9 -8.26 -6.96 38.79
CA GLY C 9 -8.15 -6.99 37.32
C GLY C 9 -9.15 -7.99 36.76
N SER C 10 -9.69 -8.83 37.65
CA SER C 10 -10.69 -9.79 37.14
C SER C 10 -11.79 -9.02 36.40
N GLY C 11 -12.31 -9.62 35.39
CA GLY C 11 -13.30 -9.05 34.54
C GLY C 11 -12.82 -7.92 33.70
N GLN C 12 -11.64 -7.45 33.71
CA GLN C 12 -11.30 -6.28 32.84
C GLN C 12 -11.15 -6.72 31.42
N PHE C 13 -11.27 -5.86 30.47
CA PHE C 13 -11.01 -6.13 29.00
C PHE C 13 -9.82 -5.26 28.57
N LEU C 14 -8.69 -5.82 28.30
CA LEU C 14 -7.47 -5.04 27.92
C LEU C 14 -7.30 -5.25 26.44
N THR C 15 -7.40 -4.27 25.56
CA THR C 15 -7.44 -4.58 24.11
C THR C 15 -6.22 -5.29 23.65
N THR C 16 -5.16 -5.39 24.40
CA THR C 16 -3.85 -5.94 24.06
C THR C 16 -3.46 -7.25 24.61
N ASP C 17 -4.33 -7.93 25.36
CA ASP C 17 -4.11 -9.18 26.02
C ASP C 17 -4.28 -10.26 24.95
N ASP C 18 -3.80 -11.47 25.12
CA ASP C 18 -3.92 -12.51 24.07
C ASP C 18 -4.30 -13.84 24.68
N ARG C 19 -5.55 -14.19 24.64
CA ARG C 19 -6.02 -15.43 25.28
C ARG C 19 -6.90 -16.26 24.34
N GLN C 20 -7.32 -17.44 24.85
CA GLN C 20 -8.18 -18.34 24.05
C GLN C 20 -9.65 -17.98 24.22
N SER C 21 -10.49 -18.28 23.32
CA SER C 21 -11.89 -18.04 23.29
C SER C 21 -12.60 -19.20 22.65
N PRO C 22 -13.81 -19.39 23.03
CA PRO C 22 -14.62 -20.45 22.31
C PRO C 22 -14.86 -20.03 20.86
N SER C 23 -14.82 -20.97 19.92
CA SER C 23 -15.18 -20.66 18.52
C SER C 23 -16.71 -20.67 18.38
N ALA C 24 -17.30 -19.64 17.81
CA ALA C 24 -18.73 -19.58 17.54
C ALA C 24 -19.16 -20.59 16.47
N LEU C 25 -18.37 -20.92 15.54
CA LEU C 25 -18.53 -21.83 14.46
C LEU C 25 -17.69 -23.13 14.68
N PRO C 26 -18.18 -23.95 15.57
CA PRO C 26 -17.51 -25.22 15.87
C PRO C 26 -17.57 -26.04 14.57
N ASN C 27 -16.43 -26.56 14.28
CA ASN C 27 -16.14 -27.48 13.23
C ASN C 27 -16.09 -27.11 11.78
N TYR C 28 -16.13 -25.88 11.55
CA TYR C 28 -16.14 -25.21 10.24
C TYR C 28 -14.79 -25.35 9.60
N GLU C 29 -14.71 -25.55 8.37
CA GLU C 29 -13.49 -25.71 7.62
C GLU C 29 -13.16 -24.62 6.70
N PRO C 30 -12.13 -23.83 7.03
CA PRO C 30 -11.79 -22.63 6.19
C PRO C 30 -11.34 -22.96 4.80
N THR C 31 -11.45 -22.05 3.83
CA THR C 31 -10.98 -22.29 2.47
C THR C 31 -9.50 -22.53 2.48
N PRO C 32 -9.04 -23.45 1.67
CA PRO C 32 -7.61 -23.80 1.57
C PRO C 32 -6.79 -22.59 1.24
N ARG C 33 -5.56 -22.48 1.63
CA ARG C 33 -4.77 -21.26 1.18
C ARG C 33 -4.21 -21.56 -0.20
N ILE C 34 -4.12 -20.67 -1.13
CA ILE C 34 -3.41 -20.99 -2.41
C ILE C 34 -2.15 -20.13 -2.32
N HIS C 35 -1.28 -20.13 -3.25
CA HIS C 35 -0.02 -19.33 -3.10
C HIS C 35 -0.23 -17.94 -3.60
N ILE C 36 0.24 -16.91 -3.01
CA ILE C 36 -0.02 -15.52 -3.62
C ILE C 36 1.36 -14.90 -3.53
N PRO C 37 1.98 -14.35 -4.52
CA PRO C 37 3.30 -13.69 -4.37
C PRO C 37 3.16 -12.54 -3.40
N GLY C 38 4.18 -11.98 -2.81
CA GLY C 38 4.14 -10.83 -2.01
C GLY C 38 3.90 -10.86 -0.59
N LYS C 39 4.05 -11.91 0.17
CA LYS C 39 3.69 -11.97 1.61
C LYS C 39 4.60 -11.07 2.40
N VAL C 40 3.99 -10.32 3.33
CA VAL C 40 4.75 -9.40 4.24
C VAL C 40 4.82 -10.01 5.61
N HIS C 41 5.92 -10.04 6.31
CA HIS C 41 5.88 -10.56 7.65
C HIS C 41 6.13 -9.45 8.67
N ASN C 42 7.01 -8.54 8.44
CA ASN C 42 7.36 -7.51 9.40
C ASN C 42 7.20 -6.14 8.77
N LEU C 43 6.79 -5.15 9.50
CA LEU C 43 6.75 -3.80 8.87
C LEU C 43 8.21 -3.41 8.56
N LEU C 44 9.15 -4.07 9.22
CA LEU C 44 10.59 -3.74 9.00
C LEU C 44 10.93 -4.20 7.61
N GLU C 45 10.18 -5.13 7.02
CA GLU C 45 10.56 -5.54 5.67
C GLU C 45 10.29 -4.44 4.67
N ILE C 46 9.13 -3.81 4.82
CA ILE C 46 8.73 -2.80 3.86
C ILE C 46 9.36 -1.45 4.03
N ILE C 47 9.69 -0.96 5.22
CA ILE C 47 10.32 0.39 5.33
C ILE C 47 11.72 0.40 4.73
N GLN C 48 12.24 -0.69 4.19
CA GLN C 48 13.53 -0.68 3.50
C GLN C 48 13.36 -0.42 2.02
N VAL C 49 12.17 -0.44 1.49
CA VAL C 49 11.93 -0.03 0.08
C VAL C 49 11.93 1.48 0.03
N ASP C 50 12.64 2.10 -0.89
CA ASP C 50 12.66 3.60 -0.84
C ASP C 50 11.45 4.14 -1.60
N THR C 51 11.01 5.28 -1.16
CA THR C 51 9.91 6.06 -1.75
C THR C 51 10.36 7.52 -1.79
N LEU C 52 9.76 8.27 -2.66
CA LEU C 52 10.04 9.66 -2.97
C LEU C 52 9.64 10.57 -1.80
N ILE C 53 10.38 11.60 -1.54
CA ILE C 53 10.12 12.62 -0.54
C ILE C 53 9.64 13.92 -1.18
N PRO C 54 8.50 14.43 -0.80
CA PRO C 54 8.06 15.74 -1.40
C PRO C 54 8.94 16.80 -0.78
N MET C 55 10.19 16.92 -1.14
CA MET C 55 11.13 17.84 -0.56
C MET C 55 10.83 19.30 -0.82
N ASN C 56 10.35 19.60 -2.00
CA ASN C 56 9.95 20.85 -2.52
C ASN C 56 8.55 21.31 -2.09
N ASN C 57 8.16 20.99 -0.90
CA ASN C 57 7.12 21.46 -0.12
C ASN C 57 6.57 22.89 -0.18
N THR C 58 7.13 23.77 -0.86
CA THR C 58 6.87 25.15 -1.00
C THR C 58 5.64 25.45 -1.76
N HIS C 59 5.01 24.47 -2.35
CA HIS C 59 3.74 24.83 -3.03
C HIS C 59 2.63 25.06 -2.00
N THR C 60 1.50 25.40 -2.61
CA THR C 60 0.30 25.72 -1.88
C THR C 60 -0.83 24.77 -1.96
N LYS C 61 -0.79 23.81 -2.85
CA LYS C 61 -1.81 22.71 -2.91
C LYS C 61 -0.96 21.49 -3.28
N ASP C 62 -1.26 20.26 -2.98
CA ASP C 62 -0.34 19.14 -3.26
C ASP C 62 -0.13 19.04 -4.79
N GLU C 63 1.08 18.97 -5.23
CA GLU C 63 1.37 18.85 -6.67
C GLU C 63 2.58 18.00 -6.94
N VAL C 64 2.66 17.42 -8.16
CA VAL C 64 3.72 16.50 -8.55
C VAL C 64 5.05 17.22 -8.47
N ASN C 65 5.04 18.43 -8.17
CA ASN C 65 6.16 19.33 -8.35
C ASN C 65 6.91 19.53 -7.11
N SER C 66 6.28 18.95 -6.11
CA SER C 66 6.93 19.16 -4.74
C SER C 66 7.81 17.96 -4.50
N TYR C 67 7.82 17.07 -5.52
CA TYR C 67 8.73 15.93 -5.49
C TYR C 67 10.00 16.36 -6.23
N LEU C 68 9.95 17.44 -6.98
CA LEU C 68 11.09 17.86 -7.80
C LEU C 68 11.93 18.93 -7.11
N ILE C 69 13.19 18.65 -6.84
CA ILE C 69 14.17 19.63 -6.30
C ILE C 69 14.83 20.27 -7.49
N PRO C 70 14.69 21.57 -7.71
CA PRO C 70 15.26 22.18 -8.95
C PRO C 70 16.72 22.49 -8.74
N LEU C 71 17.43 22.54 -9.83
CA LEU C 71 18.86 22.84 -9.89
C LEU C 71 19.03 23.96 -10.94
N ASN C 72 19.86 24.93 -10.70
CA ASN C 72 20.14 26.03 -11.60
C ASN C 72 21.46 25.95 -12.27
N ALA C 73 21.63 26.08 -13.59
CA ALA C 73 22.99 26.02 -14.21
C ALA C 73 23.87 27.17 -13.78
N ASN C 74 25.15 26.99 -13.90
CA ASN C 74 26.09 27.96 -13.45
C ASN C 74 25.96 28.57 -12.12
N ARG C 75 25.37 28.10 -11.08
CA ARG C 75 25.54 28.78 -9.74
C ARG C 75 26.74 28.06 -9.06
N GLN C 76 27.46 28.68 -8.27
CA GLN C 76 28.69 28.20 -7.59
C GLN C 76 28.42 28.21 -6.11
N ASN C 77 29.21 27.70 -5.23
CA ASN C 77 29.07 27.78 -3.80
C ASN C 77 27.73 27.70 -3.20
N GLU C 78 26.60 27.80 -3.75
CA GLU C 78 25.25 27.95 -3.16
C GLU C 78 24.51 26.79 -2.65
N GLN C 79 23.35 26.93 -2.00
CA GLN C 79 22.67 25.80 -1.37
C GLN C 79 21.47 25.28 -2.09
N VAL C 80 21.39 23.95 -2.37
CA VAL C 80 20.30 23.33 -3.11
C VAL C 80 19.06 23.09 -2.28
N PHE C 81 19.12 22.68 -1.07
CA PHE C 81 17.89 22.39 -0.26
C PHE C 81 18.32 22.24 1.20
N GLY C 82 17.42 22.14 2.13
CA GLY C 82 17.81 21.98 3.56
C GLY C 82 16.54 21.38 4.20
N THR C 83 16.64 20.68 5.25
CA THR C 83 15.57 20.12 6.01
C THR C 83 16.07 19.60 7.35
N ASN C 84 15.23 19.61 8.37
CA ASN C 84 15.74 18.94 9.63
C ASN C 84 15.41 17.44 9.47
N LEU C 85 15.80 16.65 10.44
CA LEU C 85 15.49 15.20 10.27
C LEU C 85 14.46 14.79 11.29
N PHE C 86 13.31 15.38 11.25
CA PHE C 86 12.21 14.86 12.16
C PHE C 86 11.45 13.95 11.20
N ILE C 87 11.84 12.67 11.17
CA ILE C 87 11.22 11.72 10.25
C ILE C 87 9.73 11.58 10.48
N GLY C 88 9.21 12.01 11.60
CA GLY C 88 7.75 11.87 11.77
C GLY C 88 6.97 13.11 11.40
N ASP C 89 7.55 14.06 10.76
CA ASP C 89 6.92 15.31 10.48
C ASP C 89 7.40 15.97 9.26
N GLY C 90 6.79 17.09 8.82
CA GLY C 90 7.46 17.80 7.70
C GLY C 90 7.66 17.09 6.44
N VAL C 91 8.74 17.19 5.68
CA VAL C 91 8.83 16.46 4.37
C VAL C 91 8.61 14.97 4.50
N PHE C 92 9.22 14.31 5.46
CA PHE C 92 9.21 12.90 5.69
C PHE C 92 7.87 12.30 5.97
N LYS C 93 7.02 13.10 6.51
CA LYS C 93 5.75 12.62 7.08
C LYS C 93 4.83 11.85 6.21
N THR C 94 4.75 12.01 4.92
CA THR C 94 3.81 11.35 4.01
C THR C 94 4.48 10.20 3.28
N THR C 95 5.79 10.14 3.41
CA THR C 95 6.54 9.04 2.78
C THR C 95 6.16 7.75 3.51
N LEU C 96 6.39 6.61 2.89
CA LEU C 96 6.07 5.32 3.53
C LEU C 96 6.80 5.16 4.85
N LEU C 97 8.06 5.60 4.89
CA LEU C 97 8.86 5.53 6.09
C LEU C 97 8.19 6.40 7.16
N GLY C 98 7.95 7.62 6.78
CA GLY C 98 7.34 8.57 7.72
C GLY C 98 6.02 8.04 8.25
N GLU C 99 5.30 7.43 7.36
CA GLU C 99 3.93 6.95 7.56
C GLU C 99 3.90 5.78 8.49
N ILE C 100 4.92 4.93 8.50
CA ILE C 100 5.01 3.76 9.38
C ILE C 100 5.60 4.12 10.74
N VAL C 101 6.60 4.94 10.74
CA VAL C 101 7.26 5.46 11.94
C VAL C 101 6.21 6.02 12.89
N GLN C 102 5.20 6.58 12.31
CA GLN C 102 4.10 7.21 13.03
C GLN C 102 3.26 6.17 13.72
N TYR C 103 3.33 4.90 13.39
CA TYR C 103 2.60 3.89 14.17
C TYR C 103 3.43 3.53 15.38
N TYR C 104 4.63 4.04 15.52
CA TYR C 104 5.42 3.63 16.74
C TYR C 104 5.88 4.84 17.49
N THR C 105 6.19 4.68 18.77
CA THR C 105 6.66 5.80 19.56
C THR C 105 8.12 6.13 19.49
N HIS C 106 8.98 5.18 19.37
CA HIS C 106 10.46 5.33 19.39
C HIS C 106 11.09 4.77 18.14
N TRP C 107 12.17 5.32 17.65
CA TRP C 107 12.84 4.73 16.45
C TRP C 107 14.34 4.81 16.77
N SER C 108 15.14 4.00 16.16
CA SER C 108 16.60 4.11 16.29
C SER C 108 17.16 3.51 15.01
N GLY C 109 18.35 3.85 14.54
CA GLY C 109 18.82 3.25 13.30
C GLY C 109 19.36 4.18 12.26
N SER C 110 19.89 3.51 11.15
CA SER C 110 20.40 4.50 10.11
C SER C 110 19.43 4.74 9.03
N LEU C 111 19.41 5.88 8.37
CA LEU C 111 18.46 6.20 7.28
C LEU C 111 19.23 6.21 5.97
N ARG C 112 18.51 5.86 4.89
CA ARG C 112 19.32 5.98 3.62
C ARG C 112 18.63 7.03 2.80
N PHE C 113 19.31 8.11 2.48
CA PHE C 113 18.77 9.23 1.65
C PHE C 113 19.42 9.24 0.29
N SER C 114 18.83 9.02 -0.80
CA SER C 114 19.48 9.01 -2.12
C SER C 114 18.86 10.05 -3.02
N LEU C 115 19.54 10.50 -4.02
CA LEU C 115 19.12 11.55 -4.97
C LEU C 115 19.28 10.98 -6.36
N MET C 116 18.29 10.98 -7.20
CA MET C 116 18.56 10.45 -8.61
C MET C 116 18.56 11.67 -9.52
N TYR C 117 19.55 11.87 -10.35
CA TYR C 117 19.62 13.06 -11.24
C TYR C 117 18.88 12.81 -12.54
N THR C 118 18.11 13.81 -13.03
CA THR C 118 17.32 13.66 -14.24
C THR C 118 17.69 14.60 -15.38
N GLY C 119 18.73 15.42 -15.24
CA GLY C 119 19.18 16.36 -16.31
C GLY C 119 19.65 15.69 -17.57
N PRO C 120 19.72 16.46 -18.67
CA PRO C 120 20.22 15.84 -19.95
C PRO C 120 21.51 15.08 -19.65
N ALA C 121 21.66 14.00 -20.43
CA ALA C 121 22.88 13.22 -20.38
C ALA C 121 24.15 14.02 -20.67
N LEU C 122 24.19 15.02 -21.51
CA LEU C 122 25.39 15.80 -21.86
C LEU C 122 25.68 16.93 -20.88
N SER C 123 25.01 16.95 -19.72
CA SER C 123 25.31 17.97 -18.71
C SER C 123 26.20 17.37 -17.62
N SER C 124 26.61 18.14 -16.65
CA SER C 124 27.49 17.51 -15.60
C SER C 124 27.32 18.29 -14.33
N ALA C 125 27.65 17.79 -13.19
CA ALA C 125 27.44 18.61 -11.95
C ALA C 125 28.16 17.89 -10.83
N LYS C 126 28.55 18.59 -9.80
CA LYS C 126 29.13 18.00 -8.58
C LYS C 126 28.41 18.72 -7.39
N LEU C 127 27.72 17.92 -6.60
CA LEU C 127 27.02 18.34 -5.44
C LEU C 127 27.63 17.74 -4.19
N ILE C 128 27.45 18.39 -3.07
CA ILE C 128 27.89 17.84 -1.75
C ILE C 128 26.65 17.64 -0.86
N LEU C 129 26.41 16.50 -0.28
CA LEU C 129 25.27 16.34 0.62
C LEU C 129 25.90 16.29 2.05
N ALA C 130 25.32 16.93 3.01
CA ALA C 130 25.95 16.94 4.33
C ALA C 130 24.89 16.60 5.36
N TYR C 131 25.20 15.75 6.31
CA TYR C 131 24.40 15.40 7.47
C TYR C 131 25.00 16.15 8.66
N THR C 132 24.28 16.90 9.42
CA THR C 132 24.88 17.66 10.58
C THR C 132 24.33 17.02 11.84
N PRO C 133 25.12 16.40 12.65
CA PRO C 133 24.61 15.66 13.84
C PRO C 133 24.13 16.67 14.88
N PRO C 134 23.27 16.22 15.73
CA PRO C 134 22.54 17.07 16.69
C PRO C 134 23.49 17.91 17.46
N GLY C 135 23.14 19.16 17.80
CA GLY C 135 24.12 19.92 18.60
C GLY C 135 24.58 21.16 17.95
N ALA C 136 24.55 21.21 16.65
CA ALA C 136 24.95 22.45 15.87
C ALA C 136 23.72 22.94 15.15
N ARG C 137 23.68 24.09 14.57
CA ARG C 137 22.56 24.61 13.79
C ARG C 137 22.58 24.06 12.37
N GLY C 138 21.46 24.25 11.68
CA GLY C 138 21.50 23.83 10.19
C GLY C 138 22.66 24.69 9.64
N PRO C 139 23.51 24.06 8.86
CA PRO C 139 24.68 24.79 8.30
C PRO C 139 24.12 25.93 7.44
N GLN C 140 24.85 26.99 7.45
CA GLN C 140 24.61 28.19 6.71
C GLN C 140 25.40 28.41 5.48
N ASP C 141 26.39 27.70 5.18
CA ASP C 141 27.22 27.80 3.96
C ASP C 141 27.97 26.45 3.91
N ARG C 142 28.44 26.10 2.78
CA ARG C 142 29.10 24.78 2.53
C ARG C 142 30.26 24.62 3.46
N ARG C 143 30.86 25.75 3.86
CA ARG C 143 32.12 25.52 4.64
C ARG C 143 31.63 24.88 5.94
N GLU C 144 30.56 25.49 6.37
CA GLU C 144 30.03 24.99 7.64
C GLU C 144 29.55 23.58 7.42
N ALA C 145 28.93 23.35 6.26
CA ALA C 145 28.29 22.03 6.01
C ALA C 145 29.31 20.92 5.86
N MET C 146 30.36 21.21 5.17
CA MET C 146 31.38 20.20 4.81
C MET C 146 32.10 19.70 6.02
N LEU C 147 32.02 20.25 7.21
CA LEU C 147 32.75 19.74 8.38
C LEU C 147 32.04 18.58 9.10
N GLY C 148 30.94 18.10 8.64
CA GLY C 148 30.13 17.04 9.21
C GLY C 148 30.02 15.98 8.11
N THR C 149 29.18 15.00 8.33
CA THR C 149 29.03 13.84 7.43
C THR C 149 28.68 14.33 6.06
N HIS C 150 29.44 13.97 5.08
CA HIS C 150 29.10 14.54 3.73
C HIS C 150 29.57 13.60 2.64
N VAL C 151 29.13 13.67 1.42
CA VAL C 151 29.52 12.88 0.27
C VAL C 151 29.66 13.81 -0.94
N VAL C 152 30.79 13.93 -1.59
CA VAL C 152 30.79 14.74 -2.87
C VAL C 152 30.18 13.83 -3.91
N TRP C 153 29.12 14.19 -4.52
CA TRP C 153 28.45 13.34 -5.55
C TRP C 153 28.87 13.72 -6.92
N ASP C 154 29.36 12.89 -7.77
CA ASP C 154 29.79 13.40 -9.14
C ASP C 154 28.73 12.85 -10.06
N ILE C 155 28.00 13.67 -10.73
CA ILE C 155 26.85 13.21 -11.62
C ILE C 155 27.41 12.55 -12.81
N GLY C 156 27.03 11.27 -13.00
CA GLY C 156 27.60 10.54 -14.13
C GLY C 156 26.59 9.58 -14.70
N LEU C 157 27.18 8.54 -15.27
CA LEU C 157 26.46 7.45 -15.89
C LEU C 157 25.56 6.83 -14.87
N GLN C 158 26.10 6.51 -13.77
CA GLN C 158 25.41 6.08 -12.52
C GLN C 158 24.65 7.29 -12.01
N SER C 159 23.31 7.12 -12.13
CA SER C 159 22.37 8.21 -11.94
C SER C 159 22.06 8.58 -10.54
N THR C 160 22.06 7.67 -9.58
CA THR C 160 21.73 7.91 -8.18
C THR C 160 22.88 7.83 -7.24
N ILE C 161 22.86 8.51 -6.15
CA ILE C 161 23.80 8.56 -5.10
C ILE C 161 23.00 8.23 -3.80
N VAL C 162 23.52 7.37 -3.00
CA VAL C 162 22.92 6.94 -1.78
C VAL C 162 23.70 7.44 -0.59
N MET C 163 23.22 8.40 0.12
CA MET C 163 23.84 8.92 1.30
C MET C 163 23.22 8.19 2.50
N THR C 164 23.98 7.85 3.45
CA THR C 164 23.41 7.16 4.70
C THR C 164 23.44 8.13 5.81
N ILE C 165 22.45 8.32 6.59
CA ILE C 165 22.60 9.23 7.84
C ILE C 165 22.95 8.27 8.93
N PRO C 166 24.21 8.03 9.19
CA PRO C 166 24.54 7.00 10.25
C PRO C 166 23.97 7.38 11.57
N TRP C 167 23.50 6.44 12.37
CA TRP C 167 22.94 6.72 13.69
C TRP C 167 24.02 7.38 14.61
N THR C 168 23.88 8.69 14.80
CA THR C 168 24.70 9.45 15.73
C THR C 168 23.88 9.85 16.93
N SER C 169 24.10 9.22 18.08
CA SER C 169 23.25 9.51 19.22
C SER C 169 23.79 9.13 20.54
N GLY C 170 23.43 9.89 21.56
CA GLY C 170 23.83 9.56 22.95
C GLY C 170 22.81 8.44 23.35
N VAL C 171 21.59 8.86 23.59
CA VAL C 171 20.41 8.08 23.92
C VAL C 171 20.20 7.11 22.76
N GLN C 172 19.87 5.89 23.07
CA GLN C 172 19.70 4.85 22.01
C GLN C 172 18.40 4.85 21.34
N PHE C 173 17.45 5.64 21.71
CA PHE C 173 16.16 5.76 20.95
C PHE C 173 15.78 7.22 20.93
N ARG C 174 15.12 7.60 19.93
CA ARG C 174 14.57 8.96 19.75
C ARG C 174 13.07 8.80 19.63
N TYR C 175 12.35 9.85 19.90
CA TYR C 175 10.88 9.81 19.78
C TYR C 175 10.54 10.13 18.26
N THR C 176 9.51 9.47 17.68
CA THR C 176 9.13 9.71 16.25
C THR C 176 8.44 11.06 16.15
N ASP C 177 7.67 11.39 17.12
CA ASP C 177 7.01 12.76 17.16
C ASP C 177 8.10 13.71 17.55
N PRO C 178 8.21 14.85 16.94
CA PRO C 178 9.44 15.68 17.09
C PRO C 178 9.59 16.08 18.52
N ASP C 179 10.82 15.88 18.98
CA ASP C 179 11.20 16.24 20.37
C ASP C 179 12.62 16.77 20.40
N THR C 180 12.91 17.73 21.25
CA THR C 180 14.20 18.39 21.23
C THR C 180 15.38 17.57 21.67
N TYR C 181 15.24 17.04 22.86
CA TYR C 181 16.35 16.35 23.54
C TYR C 181 16.85 15.25 22.58
N THR C 182 15.84 14.60 22.05
CA THR C 182 15.83 13.54 21.10
C THR C 182 15.98 13.96 19.67
N SER C 183 16.51 15.12 19.35
CA SER C 183 16.46 15.54 17.90
C SER C 183 17.55 14.99 17.08
N ALA C 184 17.47 14.75 15.78
CA ALA C 184 18.50 14.12 15.03
C ALA C 184 19.41 14.86 14.15
N GLY C 185 19.36 16.15 13.98
CA GLY C 185 20.25 16.86 13.02
C GLY C 185 19.58 17.52 11.83
N PHE C 186 20.35 17.86 10.84
CA PHE C 186 19.94 18.48 9.66
C PHE C 186 20.60 17.80 8.45
N LEU C 187 19.95 18.02 7.33
CA LEU C 187 20.51 17.45 6.06
C LEU C 187 20.60 18.58 5.09
N SER C 188 21.66 18.97 4.48
CA SER C 188 21.68 20.09 3.50
C SER C 188 22.37 19.62 2.24
N CYS C 189 22.32 20.37 1.15
CA CYS C 189 23.01 19.95 -0.14
C CYS C 189 23.43 21.25 -0.84
N TRP C 190 24.63 21.37 -1.39
CA TRP C 190 25.18 22.59 -1.99
C TRP C 190 25.85 22.28 -3.27
N TYR C 191 26.06 23.22 -4.14
CA TYR C 191 26.87 22.96 -5.37
C TYR C 191 28.31 22.76 -4.95
N GLN C 192 29.00 21.77 -5.45
CA GLN C 192 30.41 21.49 -5.08
C GLN C 192 31.26 22.23 -6.12
N THR C 193 30.79 22.09 -7.34
CA THR C 193 31.36 22.92 -8.43
C THR C 193 30.10 23.59 -9.00
N SER C 194 29.38 22.96 -9.87
CA SER C 194 28.13 23.68 -10.34
C SER C 194 27.49 22.91 -11.43
N LEU C 195 26.21 23.05 -11.75
CA LEU C 195 25.59 22.27 -12.86
C LEU C 195 25.98 22.92 -14.18
N ILE C 196 26.26 22.22 -15.21
CA ILE C 196 26.67 22.85 -16.53
C ILE C 196 25.83 22.29 -17.62
N LEU C 197 25.03 23.00 -18.37
CA LEU C 197 24.14 22.29 -19.38
C LEU C 197 24.85 22.29 -20.72
N PRO C 198 24.60 21.33 -21.57
CA PRO C 198 25.21 21.37 -22.92
C PRO C 198 24.55 22.45 -23.72
N PRO C 199 25.14 22.82 -24.84
CA PRO C 199 24.55 23.74 -25.80
C PRO C 199 23.14 23.29 -26.19
N GLU C 200 22.36 24.24 -26.66
CA GLU C 200 21.03 23.94 -27.22
C GLU C 200 20.11 23.48 -26.12
N THR C 201 20.51 23.68 -24.91
CA THR C 201 19.71 23.20 -23.76
C THR C 201 19.44 24.29 -22.81
N THR C 202 18.31 24.23 -22.12
CA THR C 202 18.09 25.36 -21.15
C THR C 202 17.15 25.16 -20.03
N GLY C 203 17.31 26.07 -19.04
CA GLY C 203 16.39 25.94 -17.90
C GLY C 203 16.83 25.16 -16.72
N GLN C 204 15.84 24.73 -15.92
CA GLN C 204 16.11 24.00 -14.67
C GLN C 204 16.17 22.50 -14.91
N VAL C 205 16.97 21.86 -14.11
CA VAL C 205 16.96 20.33 -14.19
C VAL C 205 16.48 19.92 -12.81
N TYR C 206 15.93 18.72 -12.60
CA TYR C 206 15.53 18.37 -11.24
C TYR C 206 16.15 17.12 -10.73
N LEU C 207 16.28 17.01 -9.44
CA LEU C 207 16.71 15.80 -8.74
C LEU C 207 15.41 15.19 -8.12
N LEU C 208 15.26 13.91 -8.13
CA LEU C 208 14.23 13.22 -7.36
C LEU C 208 14.90 12.76 -6.06
N SER C 209 14.24 12.75 -4.95
CA SER C 209 14.99 12.26 -3.71
C SER C 209 14.20 11.16 -3.05
N PHE C 210 14.83 10.08 -2.57
CA PHE C 210 14.07 9.02 -1.89
C PHE C 210 14.47 8.87 -0.43
N ILE C 211 13.70 8.21 0.41
CA ILE C 211 14.10 7.83 1.76
C ILE C 211 13.61 6.38 2.07
N SER C 212 14.42 5.61 2.68
CA SER C 212 14.20 4.27 3.21
C SER C 212 15.09 4.04 4.43
N ALA C 213 14.83 3.06 5.23
CA ALA C 213 15.57 2.77 6.45
C ALA C 213 16.65 1.75 6.24
N CYS C 214 17.77 1.83 6.87
CA CYS C 214 18.84 0.78 6.79
C CYS C 214 18.37 -0.41 7.59
N PRO C 215 19.08 -1.53 7.46
CA PRO C 215 18.71 -2.78 8.10
C PRO C 215 18.96 -2.72 9.59
N ASP C 216 19.52 -1.79 10.16
CA ASP C 216 19.97 -1.20 11.35
C ASP C 216 18.84 -0.80 12.26
N PHE C 217 17.77 -0.35 11.62
CA PHE C 217 16.59 0.30 12.13
C PHE C 217 15.77 -0.44 13.16
N LYS C 218 15.27 0.18 14.15
CA LYS C 218 14.37 -0.39 15.16
C LYS C 218 13.24 0.59 15.40
N LEU C 219 12.07 0.15 15.60
CA LEU C 219 10.84 0.93 15.86
C LEU C 219 10.19 0.19 17.06
N ARG C 220 9.65 0.82 18.01
CA ARG C 220 9.01 0.15 19.13
C ARG C 220 7.96 1.00 19.77
N LEU C 221 7.10 0.36 20.59
CA LEU C 221 6.00 0.88 21.33
C LEU C 221 4.91 1.48 20.40
N MET C 222 4.12 0.57 19.92
CA MET C 222 3.04 0.93 18.95
C MET C 222 2.02 1.87 19.59
N LYS C 223 1.52 2.72 18.78
CA LYS C 223 0.50 3.69 19.11
C LYS C 223 -0.27 4.10 17.84
N ASP C 224 -1.21 4.98 18.06
CA ASP C 224 -2.13 5.47 17.03
C ASP C 224 -1.55 6.61 16.22
N THR C 225 -1.89 6.70 14.95
CA THR C 225 -1.24 7.68 14.06
C THR C 225 -2.07 8.95 14.05
N GLN C 226 -1.39 10.07 14.02
CA GLN C 226 -2.05 11.35 13.88
C GLN C 226 -2.46 11.47 12.41
N THR C 227 -2.06 10.57 11.57
CA THR C 227 -2.40 10.73 10.16
C THR C 227 -3.73 10.34 9.73
N ILE C 228 -4.69 10.03 10.53
CA ILE C 228 -6.05 9.64 10.12
C ILE C 228 -7.07 9.75 11.20
N SER C 229 -8.20 10.33 10.85
CA SER C 229 -9.24 10.55 11.94
C SER C 229 -10.61 10.59 11.28
N GLN C 230 -11.64 10.85 12.06
CA GLN C 230 -12.98 10.78 11.41
C GLN C 230 -13.95 11.42 12.35
N THR C 231 -15.10 11.85 11.80
CA THR C 231 -16.10 12.45 12.70
C THR C 231 -17.34 11.59 12.73
N VAL C 232 -17.73 10.88 11.75
CA VAL C 232 -18.94 9.96 12.03
C VAL C 232 -18.62 8.64 11.43
N ALA C 233 -19.28 7.58 11.90
CA ALA C 233 -18.88 6.26 11.29
C ALA C 233 -19.23 6.29 9.80
N LEU C 234 -18.43 5.68 8.98
CA LEU C 234 -18.81 5.59 7.54
C LEU C 234 -19.91 4.55 7.41
N THR C 235 -20.59 4.60 6.28
CA THR C 235 -21.61 3.56 5.91
C THR C 235 -21.43 3.17 4.46
N GLU C 236 -22.25 2.21 4.02
CA GLU C 236 -22.06 1.69 2.61
C GLU C 236 -22.76 2.66 1.67
N ILE D 29 -1.40 -24.87 26.91
CA ILE D 29 -2.61 -25.76 26.90
C ILE D 29 -3.84 -25.25 26.18
N ASN D 30 -4.25 -25.88 25.10
CA ASN D 30 -5.47 -25.32 24.45
C ASN D 30 -6.65 -25.85 25.21
N TYR D 31 -7.60 -25.07 25.64
CA TYR D 31 -8.80 -25.62 26.31
C TYR D 31 -9.94 -25.95 25.36
N TYR D 32 -9.75 -25.48 24.15
CA TYR D 32 -10.79 -25.55 23.12
C TYR D 32 -10.36 -26.36 21.93
N LYS D 33 -11.37 -26.90 21.24
CA LYS D 33 -11.16 -27.83 20.17
C LYS D 33 -10.76 -27.26 18.85
N ASP D 34 -11.23 -26.09 18.49
CA ASP D 34 -11.02 -25.51 17.17
C ASP D 34 -9.79 -24.68 17.10
N ALA D 35 -9.14 -24.56 15.93
CA ALA D 35 -7.88 -23.78 15.90
C ALA D 35 -8.11 -22.30 15.99
N ALA D 36 -9.30 -21.84 15.69
CA ALA D 36 -9.50 -20.39 15.63
C ALA D 36 -9.50 -19.92 17.06
N SER D 37 -9.54 -20.93 17.94
CA SER D 37 -9.85 -20.37 19.31
C SER D 37 -8.61 -20.16 20.06
N THR D 38 -7.48 -20.48 19.46
CA THR D 38 -6.15 -20.34 20.13
C THR D 38 -5.69 -18.91 20.09
N SER D 39 -4.70 -18.61 20.93
CA SER D 39 -4.27 -17.19 21.05
C SER D 39 -3.39 -16.88 19.85
N SER D 40 -2.91 -15.64 19.92
CA SER D 40 -2.18 -15.00 18.79
C SER D 40 -1.03 -15.90 18.38
N ALA D 41 -0.59 -15.73 17.13
CA ALA D 41 0.42 -16.57 16.58
C ALA D 41 1.83 -16.47 16.99
N GLY D 42 2.60 -15.63 17.57
CA GLY D 42 4.16 -16.10 17.59
C GLY D 42 4.80 -15.47 16.37
N GLN D 43 6.10 -15.02 16.56
CA GLN D 43 6.73 -14.12 15.54
C GLN D 43 7.41 -14.86 14.39
N SER D 44 6.81 -14.44 13.22
CA SER D 44 7.21 -14.97 11.96
C SER D 44 8.72 -15.29 12.01
N LEU D 45 9.28 -14.16 12.52
CA LEU D 45 10.82 -14.33 12.53
C LEU D 45 11.17 -14.89 11.12
N SER D 46 10.31 -14.28 10.10
CA SER D 46 10.69 -14.71 8.72
C SER D 46 11.56 -13.63 8.13
N MET D 47 11.01 -12.50 7.75
CA MET D 47 11.83 -11.36 7.32
C MET D 47 12.74 -11.49 6.15
N ASP D 48 12.31 -11.11 4.97
CA ASP D 48 13.09 -11.12 3.76
C ASP D 48 12.60 -10.04 2.80
N PRO D 49 13.23 -8.90 2.94
CA PRO D 49 12.80 -7.73 2.18
C PRO D 49 13.16 -7.88 0.74
N SER D 50 13.91 -8.77 0.31
CA SER D 50 14.35 -8.74 -1.11
C SER D 50 13.17 -8.87 -2.02
N LYS D 51 12.08 -9.47 -1.73
CA LYS D 51 11.01 -9.48 -2.78
C LYS D 51 10.55 -8.07 -3.09
N PHE D 52 10.64 -7.17 -2.16
CA PHE D 52 10.26 -5.76 -2.25
C PHE D 52 11.44 -4.90 -2.59
N THR D 53 12.60 -5.09 -2.05
CA THR D 53 13.72 -4.14 -2.30
C THR D 53 14.59 -4.47 -3.48
N GLU D 54 14.63 -5.65 -3.99
CA GLU D 54 15.45 -6.06 -5.08
C GLU D 54 14.77 -7.06 -5.97
N PRO D 55 13.62 -6.70 -6.53
CA PRO D 55 12.95 -7.63 -7.45
C PRO D 55 13.56 -7.51 -8.82
N VAL D 56 14.88 -7.34 -9.00
CA VAL D 56 15.41 -7.22 -10.38
C VAL D 56 15.70 -8.59 -10.96
N LYS D 57 15.63 -8.73 -12.26
CA LYS D 57 15.79 -10.00 -12.95
C LYS D 57 17.25 -10.35 -12.90
N ASP D 58 18.20 -9.58 -13.29
CA ASP D 58 19.61 -9.89 -13.21
C ASP D 58 20.11 -9.16 -11.91
N LEU D 59 20.68 -9.98 -11.08
CA LEU D 59 21.23 -9.71 -9.79
C LEU D 59 22.22 -8.52 -9.81
N MET D 60 22.02 -7.68 -8.85
CA MET D 60 22.89 -6.48 -8.77
C MET D 60 23.83 -6.65 -7.63
N LEU D 61 25.16 -6.56 -7.82
CA LEU D 61 26.05 -6.58 -6.62
C LEU D 61 26.49 -5.26 -6.12
N LYS D 62 26.31 -5.02 -4.87
CA LYS D 62 26.67 -3.62 -4.32
C LYS D 62 28.09 -3.28 -4.57
N GLY D 63 28.45 -2.24 -5.32
CA GLY D 63 29.97 -2.04 -5.40
C GLY D 63 30.31 -2.25 -6.85
N ALA D 64 29.65 -3.18 -7.45
CA ALA D 64 29.80 -3.28 -8.93
C ALA D 64 28.93 -2.16 -9.50
N PRO D 65 29.27 -1.70 -10.69
CA PRO D 65 28.49 -0.69 -11.39
C PRO D 65 27.03 -1.14 -11.58
N ALA D 66 26.13 -0.24 -11.40
CA ALA D 66 24.69 -0.49 -11.63
C ALA D 66 24.41 -0.85 -13.07
N LEU D 67 24.93 -0.02 -13.97
CA LEU D 67 24.65 -0.31 -15.43
C LEU D 67 26.03 -0.46 -16.07
N ASN D 68 26.21 -1.56 -16.67
CA ASN D 68 27.41 -2.06 -17.33
C ASN D 68 27.17 -1.83 -18.85
#